data_7YN2
#
_entry.id   7YN2
#
_cell.length_a   192.059
_cell.length_b   52.903
_cell.length_c   90.938
_cell.angle_alpha   90.000
_cell.angle_beta   91.103
_cell.angle_gamma   90.000
#
_symmetry.space_group_name_H-M   'C 1 2 1'
#
loop_
_entity.id
_entity.type
_entity.pdbx_description
1 polymer CcbD
2 non-polymer (2R,3R,4S,5R,6R)-2-[(1R,2R)-1-azanyl-2-oxidanyl-propyl]-6-methylsulfanyl-oxane-3,4,5-triol
3 water water
#
_entity_poly.entity_id   1
_entity_poly.type   'polypeptide(L)'
_entity_poly.pdbx_seq_one_letter_code
;MAQSKGSVDQTLHAPHCEVGCAANVARRVGVDLARQVIGAHWASRMLVREVGTFPQPLLDRTQVTFSAQGEGWPALLARM
TGGEVTSRHVPREELLSTLHADRAEGGTLLFMEDRACPWLDSAHSPGMLPHVVVPDGVAPDGSWQLIEGHSWWRGRYAMS
EQDLLAASYPDPDPHHVAGRVLSLRIRPSAERAAQLDTLARQELAAGLRTYLAAECGETETPAGRIVWANGPQSVPLLVE
RLRGWDYLCPLAARNDLSTEHARDVALGRYLFLALTDELAFAAYARAGTLRLVEGLGLAGAVGGLRPDEAWRLAWRSGQK
LYRRLDRQNLSALFSALEKAAEVDVEYARRLLKELLEHHHHHHHH
;
_entity_poly.pdbx_strand_id   A,B
#
# COMPACT_ATOMS: atom_id res chain seq x y z
N GLN A 10 15.27 12.97 31.45
CA GLN A 10 14.64 11.76 30.92
C GLN A 10 14.21 11.93 29.46
N THR A 11 14.26 10.82 28.72
CA THR A 11 14.03 10.82 27.28
C THR A 11 12.54 10.80 26.95
N LEU A 12 12.11 11.76 26.12
CA LEU A 12 10.73 11.79 25.65
C LEU A 12 10.43 10.62 24.72
N HIS A 13 9.17 10.20 24.69
CA HIS A 13 8.77 9.06 23.88
C HIS A 13 7.34 9.27 23.39
N ALA A 14 6.91 8.40 22.47
CA ALA A 14 5.61 8.50 21.84
C ALA A 14 5.28 7.14 21.23
N PRO A 15 3.99 6.85 20.99
CA PRO A 15 3.64 5.53 20.43
C PRO A 15 4.16 5.31 19.01
N HIS A 16 4.35 6.37 18.24
CA HIS A 16 5.08 6.32 16.99
C HIS A 16 6.49 6.82 17.25
N CYS A 17 7.49 5.96 17.02
CA CYS A 17 8.84 6.27 17.48
C CYS A 17 9.38 7.52 16.81
N GLU A 18 8.99 7.77 15.55
CA GLU A 18 9.44 8.99 14.88
C GLU A 18 8.90 10.25 15.55
N VAL A 19 7.70 10.16 16.14
CA VAL A 19 7.17 11.31 16.89
C VAL A 19 7.92 11.49 18.21
N GLY A 20 8.24 10.39 18.89
CA GLY A 20 9.09 10.50 20.06
C GLY A 20 10.41 11.19 19.75
N CYS A 21 11.07 10.74 18.69
CA CYS A 21 12.30 11.39 18.22
C CYS A 21 12.09 12.89 18.01
N ALA A 22 11.09 13.27 17.21
CA ALA A 22 10.82 14.69 17.01
C ALA A 22 10.56 15.43 18.33
N ALA A 23 9.97 14.75 19.32
CA ALA A 23 9.68 15.43 20.57
C ALA A 23 10.95 15.78 21.33
N ASN A 24 11.89 14.83 21.42
CA ASN A 24 13.20 15.09 22.00
C ASN A 24 13.88 16.26 21.30
N VAL A 25 13.93 16.21 19.96
CA VAL A 25 14.56 17.28 19.19
C VAL A 25 13.88 18.61 19.48
N ALA A 26 12.53 18.62 19.44
CA ALA A 26 11.80 19.86 19.67
C ALA A 26 12.10 20.44 21.05
N ARG A 27 12.38 19.59 22.04
CA ARG A 27 12.67 20.09 23.37
C ARG A 27 13.99 20.86 23.42
N ARG A 28 14.97 20.46 22.59
CA ARG A 28 16.24 21.17 22.53
C ARG A 28 16.05 22.65 22.20
N VAL A 29 15.10 22.97 21.32
CA VAL A 29 14.86 24.34 20.91
C VAL A 29 13.73 24.98 21.72
N GLY A 30 13.37 24.37 22.85
CA GLY A 30 12.35 24.93 23.72
C GLY A 30 10.95 24.89 23.15
N VAL A 31 10.63 23.86 22.37
CA VAL A 31 9.29 23.65 21.81
C VAL A 31 8.72 22.38 22.44
N ASP A 32 7.50 22.46 22.95
CA ASP A 32 6.82 21.30 23.53
C ASP A 32 6.01 20.63 22.42
N LEU A 33 6.56 19.59 21.80
CA LEU A 33 5.90 19.01 20.63
C LEU A 33 4.49 18.51 20.98
N ALA A 34 4.41 17.60 21.95
CA ALA A 34 3.13 17.02 22.39
C ALA A 34 2.07 18.09 22.66
N ARG A 35 2.41 19.16 23.38
CA ARG A 35 1.39 20.13 23.76
C ARG A 35 1.15 21.16 22.66
N GLN A 36 2.21 21.73 22.10
CA GLN A 36 2.06 22.92 21.26
C GLN A 36 1.96 22.62 19.79
N VAL A 37 2.39 21.44 19.35
CA VAL A 37 2.44 21.08 17.95
C VAL A 37 1.42 19.98 17.63
N ILE A 38 1.60 18.82 18.24
CA ILE A 38 0.65 17.72 18.05
C ILE A 38 -0.65 18.01 18.76
N GLY A 39 -0.56 18.47 20.02
CA GLY A 39 -1.76 18.84 20.76
C GLY A 39 -2.52 19.98 20.14
N ALA A 40 -1.85 20.78 19.32
CA ALA A 40 -2.49 21.91 18.66
C ALA A 40 -3.20 21.51 17.38
N HIS A 41 -3.13 20.24 17.01
CA HIS A 41 -3.66 19.77 15.73
C HIS A 41 -4.63 18.62 15.98
N TRP A 42 -5.90 18.99 16.16
CA TRP A 42 -6.97 18.05 16.44
C TRP A 42 -7.40 17.38 15.14
N ALA A 43 -7.32 16.05 15.08
CA ALA A 43 -7.64 15.37 13.83
C ALA A 43 -8.21 13.98 14.11
N SER A 44 -8.96 13.49 13.12
CA SER A 44 -9.62 12.18 13.19
C SER A 44 -9.94 11.79 11.76
N ARG A 45 -9.26 10.76 11.23
CA ARG A 45 -9.42 10.38 9.83
C ARG A 45 -9.45 8.87 9.68
N MET A 46 -10.45 8.36 8.96
CA MET A 46 -10.45 6.97 8.52
C MET A 46 -9.74 6.89 7.17
N LEU A 47 -8.85 5.91 7.01
CA LEU A 47 -8.16 5.66 5.75
C LEU A 47 -8.37 4.23 5.30
N VAL A 48 -8.61 4.06 4.00
CA VAL A 48 -8.82 2.76 3.37
C VAL A 48 -7.98 2.71 2.11
N ARG A 49 -7.29 1.59 1.89
CA ARG A 49 -6.71 1.26 0.60
C ARG A 49 -7.52 0.11 0.02
N GLU A 50 -8.01 0.27 -1.20
CA GLU A 50 -8.90 -0.73 -1.79
C GLU A 50 -8.80 -0.71 -3.31
N VAL A 51 -9.46 -1.68 -3.94
CA VAL A 51 -9.46 -1.77 -5.39
C VAL A 51 -10.02 -0.51 -6.01
N GLY A 52 -9.29 0.03 -6.98
CA GLY A 52 -9.77 1.06 -7.88
C GLY A 52 -9.51 0.68 -9.32
N THR A 53 -9.05 1.66 -10.10
CA THR A 53 -8.83 1.46 -11.52
C THR A 53 -7.62 0.57 -11.78
N PHE A 54 -7.83 -0.50 -12.56
CA PHE A 54 -6.71 -1.35 -12.96
C PHE A 54 -5.80 -0.56 -13.91
N PRO A 55 -4.48 -0.80 -13.86
CA PRO A 55 -3.77 -1.71 -12.96
C PRO A 55 -3.20 -0.99 -11.74
N GLN A 56 -3.11 -1.72 -10.62
CA GLN A 56 -2.54 -1.17 -9.38
C GLN A 56 -1.65 -2.24 -8.79
N PRO A 57 -0.45 -2.43 -9.35
CA PRO A 57 0.38 -3.60 -8.98
C PRO A 57 0.82 -3.60 -7.53
N LEU A 58 0.94 -2.42 -6.89
CA LEU A 58 1.30 -2.40 -5.48
C LEU A 58 0.10 -2.64 -4.55
N LEU A 59 -1.10 -2.86 -5.10
CA LEU A 59 -2.26 -3.15 -4.23
C LEU A 59 -2.25 -4.63 -3.90
N ASP A 60 -1.79 -4.95 -2.69
CA ASP A 60 -1.72 -6.33 -2.23
C ASP A 60 -2.92 -6.77 -1.38
N ARG A 61 -3.69 -5.85 -0.81
CA ARG A 61 -4.87 -6.26 -0.04
C ARG A 61 -5.66 -5.03 0.32
N THR A 62 -6.97 -5.22 0.53
CA THR A 62 -7.75 -4.13 1.11
C THR A 62 -7.23 -3.87 2.52
N GLN A 63 -7.12 -2.59 2.88
CA GLN A 63 -6.44 -2.22 4.10
C GLN A 63 -7.17 -1.01 4.68
N VAL A 64 -7.44 -1.03 6.00
CA VAL A 64 -8.11 0.08 6.67
C VAL A 64 -7.34 0.44 7.95
N THR A 65 -7.21 1.75 8.21
CA THR A 65 -6.62 2.19 9.47
C THR A 65 -7.19 3.54 9.86
N PHE A 66 -6.65 4.10 10.94
CA PHE A 66 -7.09 5.36 11.52
C PHE A 66 -5.89 6.28 11.73
N SER A 67 -6.14 7.59 11.75
CA SER A 67 -5.05 8.52 12.03
C SER A 67 -5.60 9.75 12.75
N ALA A 68 -5.00 10.07 13.90
CA ALA A 68 -5.22 11.38 14.52
C ALA A 68 -4.05 12.32 14.24
N GLN A 69 -3.23 12.03 13.23
CA GLN A 69 -2.10 12.89 12.96
C GLN A 69 -2.45 14.08 12.08
N GLY A 70 -3.59 14.08 11.39
CA GLY A 70 -3.93 15.19 10.52
C GLY A 70 -2.81 15.45 9.50
N GLU A 71 -2.44 16.73 9.35
CA GLU A 71 -1.34 17.09 8.44
C GLU A 71 -0.02 16.46 8.85
N GLY A 72 0.19 16.22 10.16
CA GLY A 72 1.40 15.60 10.65
C GLY A 72 2.35 16.58 11.31
N TRP A 73 3.22 16.06 12.18
CA TRP A 73 4.15 16.95 12.88
C TRP A 73 5.18 17.63 11.97
N PRO A 74 5.70 16.99 10.90
CA PRO A 74 6.69 17.72 10.08
C PRO A 74 6.14 19.02 9.51
N ALA A 75 4.91 19.00 8.99
CA ALA A 75 4.31 20.21 8.45
C ALA A 75 4.05 21.24 9.55
N LEU A 76 3.63 20.77 10.73
CA LEU A 76 3.24 21.69 11.79
C LEU A 76 4.44 22.21 12.57
N LEU A 77 5.44 21.36 12.81
CA LEU A 77 6.65 21.81 13.46
C LEU A 77 7.31 22.91 12.64
N ALA A 78 7.28 22.78 11.31
CA ALA A 78 7.91 23.76 10.42
C ALA A 78 7.13 25.07 10.39
N ARG A 79 5.85 24.98 10.06
CA ARG A 79 4.93 26.12 10.13
C ARG A 79 5.10 26.96 11.37
N MET A 80 5.13 26.32 12.53
CA MET A 80 5.01 27.06 13.78
C MET A 80 6.35 27.65 14.23
N THR A 81 7.45 26.91 14.00
CA THR A 81 8.77 27.47 14.31
C THR A 81 9.29 28.40 13.21
N GLY A 82 8.59 28.47 12.08
CA GLY A 82 9.12 29.11 10.90
C GLY A 82 10.25 28.35 10.24
N GLY A 83 10.68 27.23 10.82
CA GLY A 83 11.80 26.48 10.28
C GLY A 83 11.46 25.46 9.22
N GLU A 84 12.09 24.30 9.32
CA GLU A 84 12.25 23.42 8.17
C GLU A 84 12.39 21.98 8.63
N VAL A 85 11.58 21.09 8.05
CA VAL A 85 11.69 19.65 8.28
C VAL A 85 11.73 19.00 6.91
N THR A 86 12.94 18.72 6.43
CA THR A 86 13.13 18.23 5.07
C THR A 86 13.99 16.98 5.11
N SER A 87 13.70 16.06 4.19
CA SER A 87 14.34 14.75 4.10
C SER A 87 15.31 14.74 2.93
N ARG A 88 16.30 13.84 3.01
CA ARG A 88 17.40 13.79 2.06
C ARG A 88 18.34 12.62 2.33
N HIS A 89 18.94 12.08 1.27
CA HIS A 89 20.03 11.12 1.39
C HIS A 89 21.36 11.84 1.24
N VAL A 90 22.35 11.42 2.03
CA VAL A 90 23.62 12.12 2.17
C VAL A 90 24.74 11.09 2.02
N PRO A 91 25.86 11.40 1.37
CA PRO A 91 26.92 10.39 1.19
C PRO A 91 27.72 10.18 2.47
N ARG A 92 28.19 8.94 2.65
CA ARG A 92 28.81 8.51 3.91
C ARG A 92 29.93 9.44 4.36
N GLU A 93 30.65 10.06 3.42
CA GLU A 93 31.70 11.00 3.80
C GLU A 93 31.13 12.21 4.54
N GLU A 94 29.90 12.63 4.19
CA GLU A 94 29.32 13.87 4.67
C GLU A 94 28.29 13.67 5.79
N LEU A 95 28.15 12.44 6.30
CA LEU A 95 27.08 12.18 7.27
C LEU A 95 27.46 12.66 8.66
N LEU A 96 28.66 12.33 9.12
CA LEU A 96 29.04 12.69 10.49
C LEU A 96 28.99 14.19 10.68
N SER A 97 29.23 14.98 9.63
CA SER A 97 29.24 16.43 9.75
C SER A 97 27.83 17.01 9.75
N THR A 98 26.98 16.52 8.84
CA THR A 98 25.57 16.94 8.81
C THR A 98 24.89 16.71 10.14
N LEU A 99 25.28 15.65 10.88
CA LEU A 99 24.73 15.44 12.21
C LEU A 99 25.08 16.60 13.14
N HIS A 100 26.38 16.90 13.27
CA HIS A 100 26.79 18.03 14.11
C HIS A 100 26.15 19.32 13.64
N ALA A 101 25.98 19.48 12.32
CA ALA A 101 25.42 20.70 11.77
C ALA A 101 23.94 20.84 12.13
N ASP A 102 23.18 19.75 12.00
CA ASP A 102 21.76 19.79 12.33
C ASP A 102 21.54 20.08 13.82
N ARG A 103 22.38 19.48 14.69
CA ARG A 103 22.19 19.61 16.14
C ARG A 103 22.20 21.06 16.58
N ALA A 104 22.97 21.91 15.89
CA ALA A 104 23.00 23.33 16.24
C ALA A 104 21.60 23.93 16.27
N GLU A 105 20.79 23.65 15.23
CA GLU A 105 19.49 24.30 15.08
C GLU A 105 18.32 23.33 15.28
N GLY A 106 18.54 22.24 16.00
CA GLY A 106 17.52 21.22 16.17
C GLY A 106 18.14 19.86 16.26
N GLY A 107 18.01 19.05 15.21
CA GLY A 107 18.57 17.71 15.26
C GLY A 107 18.26 16.94 14.00
N THR A 108 18.59 15.67 14.05
CA THR A 108 18.40 14.78 12.92
C THR A 108 17.63 13.55 13.34
N LEU A 109 16.70 13.14 12.48
CA LEU A 109 16.14 11.80 12.56
C LEU A 109 16.93 10.93 11.59
N LEU A 110 17.62 9.96 12.12
CA LEU A 110 18.53 9.10 11.36
C LEU A 110 17.88 7.73 11.21
N PHE A 111 17.73 7.29 9.96
CA PHE A 111 17.04 6.05 9.63
C PHE A 111 18.03 4.88 9.58
N MET A 112 17.73 3.81 10.30
CA MET A 112 18.48 2.56 10.21
C MET A 112 17.53 1.38 10.27
N GLU A 113 18.07 0.21 9.92
CA GLU A 113 17.31 -1.03 10.03
C GLU A 113 17.24 -1.46 11.50
N ASP A 114 16.25 -2.33 11.79
CA ASP A 114 16.07 -2.82 13.16
C ASP A 114 17.27 -3.64 13.62
N ARG A 115 17.90 -4.37 12.71
CA ARG A 115 19.07 -5.18 13.03
C ARG A 115 20.32 -4.34 13.28
N ALA A 116 20.29 -3.06 12.94
CA ALA A 116 21.39 -2.16 13.24
C ALA A 116 21.35 -1.63 14.66
N CYS A 117 20.21 -1.79 15.35
CA CYS A 117 20.05 -1.35 16.72
C CYS A 117 19.98 -2.57 17.62
N PRO A 118 21.04 -2.87 18.37
CA PRO A 118 21.03 -4.11 19.16
C PRO A 118 19.96 -4.16 20.23
N TRP A 119 19.54 -3.01 20.77
CA TRP A 119 18.53 -3.03 21.81
C TRP A 119 17.17 -3.48 21.29
N LEU A 120 16.94 -3.36 19.97
CA LEU A 120 15.69 -3.82 19.38
C LEU A 120 15.59 -5.34 19.33
N ASP A 121 16.72 -6.04 19.49
CA ASP A 121 16.77 -7.49 19.48
C ASP A 121 16.24 -8.06 18.16
N SER A 122 16.63 -7.44 17.06
CA SER A 122 16.09 -7.80 15.76
C SER A 122 17.22 -8.18 14.81
N ALA A 123 18.12 -9.04 15.27
CA ALA A 123 19.31 -9.33 14.46
C ALA A 123 18.95 -10.03 13.16
N HIS A 124 18.01 -10.97 13.21
CA HIS A 124 17.70 -11.85 12.08
C HIS A 124 16.72 -11.25 11.07
N SER A 125 16.35 -9.97 11.19
CA SER A 125 15.38 -9.37 10.29
C SER A 125 15.47 -7.85 10.30
N PRO A 126 15.44 -7.21 9.13
CA PRO A 126 15.46 -5.74 9.07
C PRO A 126 14.11 -5.08 9.35
N GLY A 127 13.09 -5.85 9.70
CA GLY A 127 11.80 -5.30 10.04
C GLY A 127 10.91 -5.01 8.83
N MET A 128 9.63 -4.82 9.13
CA MET A 128 8.67 -4.46 8.10
C MET A 128 8.94 -3.06 7.55
N LEU A 129 9.13 -2.10 8.45
CA LEU A 129 9.53 -0.74 8.12
C LEU A 129 10.89 -0.43 8.75
N PRO A 130 11.61 0.57 8.26
CA PRO A 130 12.85 0.96 8.92
C PRO A 130 12.57 1.64 10.25
N HIS A 131 13.62 1.76 11.04
CA HIS A 131 13.60 2.42 12.33
C HIS A 131 14.20 3.81 12.23
N VAL A 132 14.13 4.55 13.33
CA VAL A 132 14.65 5.92 13.38
C VAL A 132 15.22 6.18 14.78
N VAL A 133 16.32 6.94 14.85
CA VAL A 133 16.93 7.34 16.11
C VAL A 133 17.31 8.80 16.01
N VAL A 134 17.61 9.41 17.15
CA VAL A 134 18.05 10.80 17.16
C VAL A 134 19.49 10.84 17.67
N PRO A 135 20.48 11.11 16.80
CA PRO A 135 21.86 11.28 17.27
C PRO A 135 21.96 12.49 18.18
N ASP A 136 22.49 12.27 19.38
CA ASP A 136 22.68 13.35 20.34
C ASP A 136 24.17 13.48 20.64
N GLY A 137 24.89 14.12 19.74
CA GLY A 137 26.28 14.50 19.98
C GLY A 137 27.25 13.35 20.23
N VAL A 138 28.52 13.69 20.45
CA VAL A 138 29.56 12.72 20.72
C VAL A 138 29.86 12.74 22.21
N ALA A 139 29.89 11.56 22.81
CA ALA A 139 30.26 11.39 24.20
C ALA A 139 31.78 11.53 24.35
N PRO A 140 32.29 11.65 25.61
CA PRO A 140 33.75 11.69 25.83
C PRO A 140 34.52 10.66 25.01
N ASP A 141 33.99 9.43 24.97
CA ASP A 141 34.67 8.30 24.35
C ASP A 141 34.86 8.44 22.84
N GLY A 142 34.18 9.40 22.22
CA GLY A 142 34.05 9.39 20.78
C GLY A 142 32.91 8.55 20.27
N SER A 143 32.32 7.69 21.10
CA SER A 143 31.13 6.95 20.73
C SER A 143 29.91 7.88 20.76
N TRP A 144 28.97 7.63 19.84
CA TRP A 144 27.81 8.50 19.67
C TRP A 144 26.68 8.13 20.62
N GLN A 145 25.92 9.14 21.01
CA GLN A 145 24.71 8.97 21.81
C GLN A 145 23.51 8.95 20.87
N LEU A 146 22.75 7.85 20.90
CA LEU A 146 21.54 7.70 20.10
C LEU A 146 20.32 7.70 21.02
N ILE A 147 19.39 8.62 20.76
CA ILE A 147 18.14 8.70 21.50
C ILE A 147 17.11 7.80 20.82
N GLU A 148 16.50 6.88 21.59
CA GLU A 148 15.46 6.00 21.10
C GLU A 148 14.10 6.58 21.50
N GLY A 149 13.24 6.79 20.50
CA GLY A 149 11.99 7.50 20.71
C GLY A 149 10.79 6.63 21.04
N HIS A 150 10.90 5.31 20.82
CA HIS A 150 9.77 4.42 21.01
C HIS A 150 9.57 4.10 22.49
N SER A 151 8.33 4.28 22.96
CA SER A 151 7.99 4.00 24.36
C SER A 151 8.49 2.64 24.84
N TRP A 152 8.49 1.63 23.99
CA TRP A 152 8.90 0.30 24.43
C TRP A 152 10.40 0.24 24.73
N TRP A 153 11.20 1.11 24.14
CA TRP A 153 12.65 1.10 24.33
C TRP A 153 13.22 2.47 24.68
N ARG A 154 12.36 3.42 25.08
CA ARG A 154 12.77 4.80 25.33
C ARG A 154 14.09 4.87 26.10
N GLY A 155 15.00 5.70 25.65
CA GLY A 155 16.21 5.95 26.41
C GLY A 155 17.37 6.35 25.52
N ARG A 156 18.56 6.19 26.08
CA ARG A 156 19.82 6.52 25.42
C ARG A 156 20.62 5.25 25.24
N TYR A 157 21.22 5.11 24.07
CA TYR A 157 22.09 3.99 23.75
C TYR A 157 23.33 4.56 23.10
N ALA A 158 24.49 4.07 23.53
CA ALA A 158 25.74 4.50 22.92
C ALA A 158 26.09 3.52 21.82
N MET A 159 26.64 4.05 20.74
CA MET A 159 27.09 3.19 19.66
C MET A 159 28.36 3.77 19.08
N SER A 160 29.33 2.90 18.85
CA SER A 160 30.62 3.32 18.33
C SER A 160 30.43 4.04 17.00
N GLU A 161 31.37 4.94 16.69
CA GLU A 161 31.26 5.69 15.45
C GLU A 161 31.29 4.75 14.25
N GLN A 162 32.11 3.70 14.29
CA GLN A 162 32.19 2.77 13.17
C GLN A 162 30.82 2.21 12.83
N ASP A 163 30.09 1.75 13.86
CA ASP A 163 28.79 1.14 13.65
C ASP A 163 27.78 2.12 13.09
N LEU A 164 27.96 3.42 13.32
CA LEU A 164 26.96 4.39 12.88
C LEU A 164 26.96 4.52 11.37
N LEU A 165 28.13 4.48 10.74
CA LEU A 165 28.15 4.47 9.28
C LEU A 165 27.89 3.06 8.75
N ALA A 166 28.21 2.02 9.53
CA ALA A 166 27.81 0.67 9.15
C ALA A 166 26.29 0.53 9.16
N ALA A 167 25.64 1.11 10.17
CA ALA A 167 24.19 1.00 10.30
C ALA A 167 23.47 1.86 9.28
N SER A 168 24.03 3.02 8.94
CA SER A 168 23.35 4.00 8.12
C SER A 168 23.54 3.77 6.62
N TYR A 169 24.46 2.90 6.24
CA TYR A 169 24.74 2.62 4.83
C TYR A 169 24.81 1.10 4.68
N PRO A 170 23.68 0.42 4.81
CA PRO A 170 23.69 -1.04 4.82
C PRO A 170 23.65 -1.60 3.41
N ASP A 171 24.15 -2.81 3.28
CA ASP A 171 24.08 -3.61 2.07
C ASP A 171 23.67 -5.00 2.51
N PRO A 172 22.57 -5.56 1.97
CA PRO A 172 21.67 -4.84 1.06
C PRO A 172 20.83 -3.80 1.82
N ASP A 173 20.04 -3.01 1.09
CA ASP A 173 19.24 -1.93 1.68
C ASP A 173 17.78 -2.06 1.27
N PRO A 174 17.05 -3.01 1.85
CA PRO A 174 15.65 -3.19 1.44
C PRO A 174 14.80 -1.96 1.70
N HIS A 175 15.05 -1.22 2.77
CA HIS A 175 14.19 -0.10 3.12
C HIS A 175 14.57 1.20 2.40
N HIS A 176 15.53 1.16 1.48
CA HIS A 176 16.12 2.37 0.89
C HIS A 176 16.46 3.37 1.98
N VAL A 177 17.12 2.85 3.02
CA VAL A 177 17.45 3.63 4.21
C VAL A 177 18.82 4.27 4.08
N ALA A 178 19.60 3.87 3.06
CA ALA A 178 20.99 4.26 2.82
C ALA A 178 21.23 5.72 3.09
N GLY A 179 21.72 6.03 4.29
CA GLY A 179 22.04 7.40 4.65
C GLY A 179 20.87 8.35 4.61
N ARG A 180 19.67 7.89 4.92
CA ARG A 180 18.51 8.77 4.92
C ARG A 180 18.44 9.53 6.24
N VAL A 181 18.18 10.83 6.15
CA VAL A 181 18.09 11.69 7.33
C VAL A 181 16.94 12.67 7.15
N LEU A 182 16.22 12.89 8.22
CA LEU A 182 15.23 13.97 8.33
C LEU A 182 15.89 15.08 9.14
N SER A 183 15.97 16.26 8.57
CA SER A 183 16.70 17.37 9.17
C SER A 183 15.72 18.35 9.82
N LEU A 184 15.78 18.45 11.15
CA LEU A 184 14.92 19.36 11.92
C LEU A 184 15.74 20.63 12.18
N ARG A 185 15.48 21.65 11.37
CA ARG A 185 16.02 23.00 11.53
C ARG A 185 14.87 23.86 12.05
N ILE A 186 14.68 23.83 13.37
CA ILE A 186 13.41 24.22 13.95
C ILE A 186 13.59 25.20 15.11
N ARG A 187 14.76 25.83 15.22
CA ARG A 187 14.97 26.76 16.34
C ARG A 187 14.17 28.03 16.12
N PRO A 188 13.23 28.35 17.01
CA PRO A 188 12.41 29.56 16.82
C PRO A 188 13.20 30.81 17.21
N SER A 189 13.16 31.82 16.35
CA SER A 189 13.63 33.14 16.72
C SER A 189 12.96 33.57 18.03
N ALA A 190 13.70 34.31 18.86
CA ALA A 190 13.19 34.64 20.19
C ALA A 190 11.88 35.41 20.11
N GLU A 191 11.60 36.06 18.98
CA GLU A 191 10.29 36.67 18.77
C GLU A 191 9.24 35.61 18.47
N ARG A 192 9.54 34.72 17.53
CA ARG A 192 8.65 33.59 17.25
C ARG A 192 8.44 32.74 18.50
N ALA A 193 9.50 32.52 19.28
CA ALA A 193 9.39 31.71 20.50
C ALA A 193 8.37 32.29 21.46
N ALA A 194 8.22 33.62 21.46
CA ALA A 194 7.23 34.28 22.29
C ALA A 194 5.81 34.14 21.72
N GLN A 195 5.70 33.75 20.45
CA GLN A 195 4.43 33.61 19.77
C GLN A 195 3.89 32.18 19.78
N LEU A 196 4.58 31.23 20.44
CA LEU A 196 4.28 29.81 20.23
C LEU A 196 2.88 29.45 20.70
N ASP A 197 2.54 29.86 21.92
CA ASP A 197 1.22 29.57 22.47
C ASP A 197 0.13 30.33 21.72
N THR A 198 0.43 31.54 21.27
CA THR A 198 -0.50 32.26 20.43
C THR A 198 -0.78 31.49 19.14
N LEU A 199 0.28 31.01 18.48
CA LEU A 199 0.10 30.25 17.24
C LEU A 199 -0.56 28.90 17.52
N ALA A 200 -0.16 28.25 18.61
CA ALA A 200 -0.78 26.98 18.99
C ALA A 200 -2.29 27.13 19.11
N ARG A 201 -2.74 28.19 19.78
CA ARG A 201 -4.17 28.42 19.92
C ARG A 201 -4.82 28.65 18.57
N GLN A 202 -4.11 29.23 17.60
CA GLN A 202 -4.66 29.42 16.27
C GLN A 202 -4.70 28.12 15.49
N GLU A 203 -3.66 27.29 15.64
CA GLU A 203 -3.69 25.97 15.02
C GLU A 203 -4.79 25.11 15.62
N LEU A 204 -4.95 25.19 16.96
CA LEU A 204 -6.01 24.49 17.67
C LEU A 204 -7.37 24.73 17.03
N ALA A 205 -7.73 26.00 16.84
CA ALA A 205 -9.02 26.31 16.22
C ALA A 205 -9.09 25.85 14.78
N ALA A 206 -7.98 25.95 14.05
CA ALA A 206 -8.01 25.62 12.63
C ALA A 206 -8.24 24.12 12.40
N GLY A 207 -7.59 23.28 13.21
CA GLY A 207 -7.85 21.85 13.13
C GLY A 207 -9.24 21.45 13.58
N LEU A 208 -9.76 22.10 14.63
CA LEU A 208 -11.13 21.81 15.04
C LEU A 208 -12.12 22.15 13.93
N ARG A 209 -11.84 23.19 13.16
CA ARG A 209 -12.72 23.55 12.05
C ARG A 209 -12.59 22.54 10.91
N THR A 210 -11.38 22.05 10.65
CA THR A 210 -11.22 21.01 9.64
C THR A 210 -11.95 19.75 10.05
N TYR A 211 -11.83 19.39 11.33
CA TYR A 211 -12.54 18.23 11.87
C TYR A 211 -14.03 18.35 11.59
N LEU A 212 -14.66 19.45 12.03
CA LEU A 212 -16.10 19.53 11.90
C LEU A 212 -16.55 19.73 10.46
N ALA A 213 -15.66 20.21 9.58
CA ALA A 213 -15.98 20.31 8.16
C ALA A 213 -16.16 18.93 7.55
N ALA A 214 -15.45 17.93 8.08
CA ALA A 214 -15.72 16.52 7.80
C ALA A 214 -15.67 16.22 6.29
N GLU A 215 -14.55 16.58 5.67
CA GLU A 215 -14.39 16.38 4.23
C GLU A 215 -13.98 14.95 3.95
N CYS A 216 -14.30 14.51 2.72
CA CYS A 216 -14.07 13.16 2.18
C CYS A 216 -13.10 13.27 1.02
N GLY A 217 -12.36 12.20 0.75
CA GLY A 217 -11.38 12.26 -0.32
C GLY A 217 -10.99 10.90 -0.86
N GLU A 218 -10.39 10.93 -2.05
CA GLU A 218 -10.22 9.72 -2.83
C GLU A 218 -9.11 9.95 -3.84
N THR A 219 -8.22 8.98 -3.96
CA THR A 219 -7.15 9.11 -4.94
C THR A 219 -6.82 7.73 -5.52
N GLU A 220 -6.51 7.69 -6.80
CA GLU A 220 -6.10 6.47 -7.48
C GLU A 220 -4.58 6.45 -7.61
N THR A 221 -3.95 5.40 -7.10
CA THR A 221 -2.50 5.28 -7.06
C THR A 221 -2.10 3.90 -7.54
N PRO A 222 -0.80 3.69 -7.79
CA PRO A 222 -0.34 2.33 -8.13
C PRO A 222 -0.43 1.36 -6.98
N ALA A 223 -0.64 1.84 -5.76
CA ALA A 223 -0.80 0.98 -4.59
C ALA A 223 -2.26 0.77 -4.24
N GLY A 224 -3.18 1.23 -5.07
CA GLY A 224 -4.61 1.06 -4.91
C GLY A 224 -5.32 2.39 -4.80
N ARG A 225 -6.65 2.31 -4.68
CA ARG A 225 -7.47 3.48 -4.38
C ARG A 225 -7.39 3.80 -2.89
N ILE A 226 -7.01 5.04 -2.56
CA ILE A 226 -6.81 5.49 -1.19
C ILE A 226 -7.98 6.39 -0.85
N VAL A 227 -8.80 5.95 0.06
CA VAL A 227 -10.00 6.67 0.47
C VAL A 227 -9.76 7.18 1.89
N TRP A 228 -10.26 8.37 2.17
CA TRP A 228 -10.16 8.91 3.52
C TRP A 228 -11.40 9.74 3.83
N ALA A 229 -11.72 9.82 5.13
CA ALA A 229 -12.88 10.56 5.62
C ALA A 229 -12.53 11.20 6.96
N ASN A 230 -12.72 12.52 7.06
CA ASN A 230 -12.36 13.28 8.24
C ASN A 230 -13.57 13.48 9.17
N GLY A 231 -13.28 13.83 10.42
CA GLY A 231 -14.29 14.42 11.27
C GLY A 231 -15.11 13.43 12.07
N PRO A 232 -16.27 13.89 12.55
CA PRO A 232 -17.04 13.07 13.50
C PRO A 232 -17.47 11.70 12.98
N GLN A 233 -17.69 11.56 11.67
CA GLN A 233 -18.08 10.28 11.10
C GLN A 233 -16.91 9.34 10.86
N SER A 234 -15.66 9.79 11.07
CA SER A 234 -14.51 8.98 10.71
C SER A 234 -14.47 7.66 11.50
N VAL A 235 -14.67 7.70 12.82
CA VAL A 235 -14.60 6.49 13.65
C VAL A 235 -15.84 5.60 13.46
N PRO A 236 -17.06 6.12 13.38
CA PRO A 236 -18.18 5.24 12.97
C PRO A 236 -17.99 4.61 11.59
N LEU A 237 -17.46 5.35 10.62
CA LEU A 237 -17.16 4.74 9.33
C LEU A 237 -16.08 3.68 9.45
N LEU A 238 -15.05 3.93 10.28
CA LEU A 238 -13.97 2.96 10.51
C LEU A 238 -14.52 1.66 11.10
N VAL A 239 -15.35 1.78 12.15
CA VAL A 239 -15.91 0.61 12.82
C VAL A 239 -16.72 -0.21 11.84
N GLU A 240 -17.57 0.47 11.05
CA GLU A 240 -18.36 -0.19 10.03
C GLU A 240 -17.47 -0.99 9.09
N ARG A 241 -16.35 -0.40 8.67
CA ARG A 241 -15.47 -1.07 7.72
C ARG A 241 -14.74 -2.25 8.36
N LEU A 242 -14.29 -2.07 9.60
CA LEU A 242 -13.55 -3.12 10.30
C LEU A 242 -14.41 -4.34 10.61
N ARG A 243 -15.73 -4.17 10.72
CA ARG A 243 -16.59 -5.34 10.86
C ARG A 243 -16.31 -6.36 9.75
N GLY A 244 -15.89 -5.89 8.59
CA GLY A 244 -15.63 -6.78 7.47
C GLY A 244 -14.54 -7.79 7.75
N TRP A 245 -13.81 -7.63 8.86
CA TRP A 245 -12.72 -8.52 9.23
C TRP A 245 -13.10 -9.47 10.35
N ASP A 246 -14.39 -9.54 10.70
CA ASP A 246 -14.82 -10.50 11.72
C ASP A 246 -14.55 -11.94 11.30
N TYR A 247 -14.41 -12.19 9.99
CA TYR A 247 -14.05 -13.53 9.52
C TYR A 247 -12.74 -14.01 10.13
N LEU A 248 -11.90 -13.09 10.60
CA LEU A 248 -10.65 -13.49 11.26
C LEU A 248 -10.91 -14.29 12.54
N CYS A 249 -12.00 -13.99 13.25
CA CYS A 249 -12.19 -14.61 14.56
C CYS A 249 -12.33 -16.13 14.48
N PRO A 250 -13.30 -16.70 13.74
CA PRO A 250 -13.39 -18.17 13.68
C PRO A 250 -12.13 -18.81 13.10
N LEU A 251 -11.44 -18.11 12.21
CA LEU A 251 -10.22 -18.64 11.58
C LEU A 251 -9.09 -18.76 12.59
N ALA A 252 -8.92 -17.76 13.47
CA ALA A 252 -7.83 -17.76 14.44
C ALA A 252 -8.07 -18.70 15.62
N ALA A 253 -9.32 -19.12 15.85
CA ALA A 253 -9.64 -20.04 16.94
C ALA A 253 -9.38 -21.51 16.58
N ARG A 254 -8.90 -21.77 15.38
CA ARG A 254 -8.54 -23.12 14.97
C ARG A 254 -7.05 -23.36 15.14
N ASN A 255 -6.69 -24.60 15.46
CA ASN A 255 -5.30 -25.00 15.62
C ASN A 255 -4.73 -25.68 14.38
N ASP A 256 -5.58 -26.03 13.42
CA ASP A 256 -5.17 -26.80 12.25
C ASP A 256 -5.24 -25.95 10.98
N LEU A 257 -4.70 -24.74 11.05
CA LEU A 257 -4.76 -23.82 9.92
C LEU A 257 -3.78 -24.22 8.83
N SER A 258 -4.23 -24.11 7.58
CA SER A 258 -3.34 -24.19 6.42
C SER A 258 -2.22 -23.19 6.53
N THR A 259 -1.18 -23.41 5.72
CA THR A 259 -0.19 -22.37 5.51
C THR A 259 -0.84 -21.13 4.90
N GLU A 260 -1.58 -21.32 3.80
CA GLU A 260 -2.23 -20.17 3.16
C GLU A 260 -3.20 -19.46 4.12
N HIS A 261 -3.90 -20.22 4.98
CA HIS A 261 -4.89 -19.62 5.87
C HIS A 261 -4.25 -18.88 7.05
N ALA A 262 -3.22 -19.47 7.65
CA ALA A 262 -2.48 -18.79 8.70
C ALA A 262 -1.88 -17.48 8.22
N ARG A 263 -1.67 -17.34 6.91
CA ARG A 263 -1.22 -16.06 6.36
C ARG A 263 -2.33 -14.99 6.45
N ASP A 264 -3.55 -15.34 6.01
CA ASP A 264 -4.71 -14.47 6.18
C ASP A 264 -4.79 -13.95 7.60
N VAL A 265 -4.74 -14.86 8.57
CA VAL A 265 -4.82 -14.49 9.98
C VAL A 265 -3.70 -13.53 10.32
N ALA A 266 -2.47 -13.84 9.90
CA ALA A 266 -1.34 -13.02 10.34
C ALA A 266 -1.39 -11.61 9.75
N LEU A 267 -1.88 -11.47 8.51
CA LEU A 267 -2.08 -10.13 7.95
C LEU A 267 -3.26 -9.40 8.58
N GLY A 268 -4.36 -10.11 8.83
CA GLY A 268 -5.43 -9.48 9.58
C GLY A 268 -4.99 -9.03 10.96
N ARG A 269 -4.22 -9.88 11.65
CA ARG A 269 -3.71 -9.49 12.96
C ARG A 269 -2.79 -8.29 12.85
N TYR A 270 -1.91 -8.28 11.82
CA TYR A 270 -1.07 -7.11 11.59
C TYR A 270 -1.90 -5.85 11.33
N LEU A 271 -3.02 -6.00 10.60
CA LEU A 271 -3.90 -4.85 10.39
C LEU A 271 -4.37 -4.29 11.74
N PHE A 272 -4.65 -5.17 12.70
CA PHE A 272 -5.12 -4.70 14.00
C PHE A 272 -3.98 -4.19 14.89
N LEU A 273 -2.75 -4.71 14.73
CA LEU A 273 -1.61 -4.10 15.43
C LEU A 273 -1.39 -2.66 14.97
N ALA A 274 -1.32 -2.44 13.67
CA ALA A 274 -1.09 -1.10 13.14
C ALA A 274 -2.19 -0.12 13.60
N LEU A 275 -3.44 -0.60 13.68
CA LEU A 275 -4.52 0.24 14.19
C LEU A 275 -4.34 0.54 15.66
N THR A 276 -3.94 -0.47 16.43
CA THR A 276 -3.69 -0.27 17.86
C THR A 276 -2.66 0.82 18.10
N ASP A 277 -1.57 0.84 17.32
CA ASP A 277 -0.58 1.91 17.44
C ASP A 277 -1.18 3.27 17.10
N GLU A 278 -2.15 3.31 16.18
CA GLU A 278 -2.78 4.59 15.87
C GLU A 278 -3.70 5.03 17.00
N LEU A 279 -4.33 4.08 17.70
CA LEU A 279 -5.16 4.44 18.83
C LEU A 279 -4.30 4.93 19.99
N ALA A 280 -3.15 4.28 20.23
CA ALA A 280 -2.20 4.80 21.19
C ALA A 280 -1.82 6.22 20.83
N PHE A 281 -1.51 6.46 19.54
CA PHE A 281 -1.13 7.80 19.16
C PHE A 281 -2.27 8.79 19.42
N ALA A 282 -3.50 8.40 19.11
CA ALA A 282 -4.64 9.28 19.39
C ALA A 282 -4.72 9.62 20.86
N ALA A 283 -4.46 8.66 21.76
CA ALA A 283 -4.55 8.97 23.18
C ALA A 283 -3.47 9.94 23.58
N TYR A 284 -2.27 9.77 23.01
CA TYR A 284 -1.14 10.66 23.26
C TYR A 284 -1.42 12.07 22.74
N ALA A 285 -1.94 12.18 21.51
CA ALA A 285 -2.27 13.49 20.95
C ALA A 285 -3.35 14.18 21.74
N ARG A 286 -4.43 13.45 22.06
CA ARG A 286 -5.54 14.07 22.78
C ARG A 286 -5.12 14.56 24.16
N ALA A 287 -4.18 13.85 24.81
CA ALA A 287 -3.63 14.35 26.07
C ALA A 287 -2.91 15.67 25.85
N GLY A 288 -2.03 15.72 24.83
CA GLY A 288 -1.42 16.99 24.46
C GLY A 288 -2.42 18.10 24.22
N THR A 289 -3.52 17.80 23.53
CA THR A 289 -4.55 18.83 23.37
C THR A 289 -5.09 19.29 24.72
N LEU A 290 -5.29 18.36 25.66
CA LEU A 290 -5.87 18.75 26.95
C LEU A 290 -4.89 19.60 27.74
N ARG A 291 -3.60 19.21 27.75
CA ARG A 291 -2.58 20.05 28.36
C ARG A 291 -2.49 21.42 27.69
N LEU A 292 -2.58 21.47 26.37
CA LEU A 292 -2.61 22.77 25.70
C LEU A 292 -3.83 23.58 26.12
N VAL A 293 -4.98 22.92 26.26
CA VAL A 293 -6.20 23.62 26.64
C VAL A 293 -6.09 24.15 28.06
N GLU A 294 -5.55 23.35 28.98
CA GLU A 294 -5.45 23.80 30.36
C GLU A 294 -4.45 24.93 30.49
N GLY A 295 -3.33 24.83 29.78
CA GLY A 295 -2.36 25.91 29.77
C GLY A 295 -2.90 27.20 29.21
N LEU A 296 -3.83 27.11 28.26
CA LEU A 296 -4.52 28.26 27.72
C LEU A 296 -5.62 28.77 28.65
N GLY A 297 -5.80 28.15 29.82
CA GLY A 297 -6.85 28.58 30.72
C GLY A 297 -8.28 28.33 30.27
N LEU A 298 -8.49 27.47 29.26
CA LEU A 298 -9.85 27.19 28.80
C LEU A 298 -10.45 25.89 29.37
N ALA A 299 -9.75 25.19 30.27
CA ALA A 299 -10.20 23.86 30.68
C ALA A 299 -11.51 23.90 31.47
N GLY A 300 -11.64 24.85 32.41
CA GLY A 300 -12.87 24.96 33.18
C GLY A 300 -14.05 25.36 32.33
N ALA A 301 -13.81 26.12 31.27
CA ALA A 301 -14.90 26.49 30.37
C ALA A 301 -15.36 25.31 29.52
N VAL A 302 -14.46 24.41 29.10
CA VAL A 302 -14.91 23.33 28.22
C VAL A 302 -15.54 22.19 29.00
N GLY A 303 -15.12 21.95 30.22
CA GLY A 303 -15.75 20.96 31.06
C GLY A 303 -14.82 19.82 31.36
N GLY A 304 -15.38 18.78 31.98
CA GLY A 304 -14.58 17.64 32.35
C GLY A 304 -14.45 16.48 31.35
N LEU A 305 -14.81 16.66 30.07
CA LEU A 305 -14.71 15.56 29.10
C LEU A 305 -13.27 15.11 28.94
N ARG A 306 -13.05 13.79 28.82
CA ARG A 306 -11.69 13.24 28.71
C ARG A 306 -11.51 12.41 27.42
N PRO A 307 -11.41 13.07 26.25
CA PRO A 307 -11.19 12.29 25.02
C PRO A 307 -9.89 11.50 25.03
N ASP A 308 -8.89 11.95 25.79
CA ASP A 308 -7.65 11.19 25.87
C ASP A 308 -7.86 9.87 26.58
N GLU A 309 -8.69 9.88 27.61
CA GLU A 309 -9.01 8.66 28.33
C GLU A 309 -9.83 7.71 27.46
N ALA A 310 -10.76 8.25 26.67
CA ALA A 310 -11.57 7.38 25.84
C ALA A 310 -10.69 6.68 24.81
N TRP A 311 -9.69 7.40 24.27
CA TRP A 311 -8.80 6.81 23.28
C TRP A 311 -7.82 5.83 23.91
N ARG A 312 -7.41 6.06 25.17
CA ARG A 312 -6.56 5.09 25.86
C ARG A 312 -7.29 3.76 26.04
N LEU A 313 -8.54 3.82 26.46
CA LEU A 313 -9.32 2.61 26.64
C LEU A 313 -9.46 1.85 25.32
N ALA A 314 -9.62 2.57 24.20
CA ALA A 314 -9.71 1.93 22.88
C ALA A 314 -8.36 1.34 22.46
N TRP A 315 -7.26 2.03 22.77
CA TRP A 315 -5.93 1.47 22.60
C TRP A 315 -5.77 0.16 23.34
N ARG A 316 -6.08 0.15 24.65
CA ARG A 316 -5.93 -1.08 25.44
C ARG A 316 -6.78 -2.19 24.84
N SER A 317 -7.96 -1.84 24.39
CA SER A 317 -8.87 -2.80 23.82
C SER A 317 -8.36 -3.30 22.47
N GLY A 318 -7.66 -2.46 21.71
CA GLY A 318 -6.94 -2.95 20.53
C GLY A 318 -5.81 -3.92 20.88
N GLN A 319 -5.03 -3.60 21.92
CA GLN A 319 -4.00 -4.54 22.38
C GLN A 319 -4.61 -5.89 22.73
N LYS A 320 -5.69 -5.86 23.49
CA LYS A 320 -6.38 -7.08 23.89
C LYS A 320 -6.85 -7.86 22.67
N LEU A 321 -7.31 -7.17 21.62
CA LEU A 321 -7.74 -7.89 20.42
C LEU A 321 -6.55 -8.50 19.70
N TYR A 322 -5.44 -7.76 19.65
CA TYR A 322 -4.25 -8.26 18.97
C TYR A 322 -3.71 -9.53 19.64
N ARG A 323 -3.76 -9.59 20.98
CA ARG A 323 -3.23 -10.75 21.70
C ARG A 323 -4.14 -11.96 21.57
N ARG A 324 -5.46 -11.73 21.44
CA ARG A 324 -6.44 -12.80 21.38
C ARG A 324 -7.52 -12.32 20.40
N LEU A 325 -7.43 -12.80 19.17
CA LEU A 325 -8.24 -12.27 18.06
C LEU A 325 -9.54 -13.06 18.02
N ASP A 326 -10.49 -12.67 18.89
CA ASP A 326 -11.77 -13.38 18.94
C ASP A 326 -12.90 -12.37 18.92
N ARG A 327 -14.13 -12.88 18.86
CA ARG A 327 -15.25 -12.00 18.56
C ARG A 327 -15.60 -11.10 19.75
N GLN A 328 -15.46 -11.59 20.99
CA GLN A 328 -15.71 -10.72 22.14
C GLN A 328 -14.73 -9.54 22.19
N ASN A 329 -13.47 -9.79 21.86
CA ASN A 329 -12.52 -8.67 21.88
C ASN A 329 -12.68 -7.77 20.67
N LEU A 330 -13.09 -8.33 19.52
CA LEU A 330 -13.45 -7.49 18.38
C LEU A 330 -14.60 -6.54 18.75
N SER A 331 -15.70 -7.10 19.23
CA SER A 331 -16.85 -6.29 19.61
C SER A 331 -16.50 -5.26 20.71
N ALA A 332 -15.67 -5.63 21.69
CA ALA A 332 -15.26 -4.67 22.72
C ALA A 332 -14.40 -3.54 22.15
N LEU A 333 -13.57 -3.82 21.13
CA LEU A 333 -12.86 -2.75 20.43
C LEU A 333 -13.82 -1.78 19.77
N PHE A 334 -14.85 -2.31 19.07
CA PHE A 334 -15.79 -1.44 18.38
C PHE A 334 -16.53 -0.53 19.37
N SER A 335 -16.88 -1.07 20.51
CA SER A 335 -17.63 -0.29 21.47
C SER A 335 -16.74 0.77 22.15
N ALA A 336 -15.46 0.47 22.37
CA ALA A 336 -14.57 1.49 22.92
C ALA A 336 -14.33 2.59 21.92
N LEU A 337 -14.36 2.26 20.62
CA LEU A 337 -14.15 3.25 19.57
C LEU A 337 -15.37 4.13 19.38
N GLU A 338 -16.57 3.55 19.48
CA GLU A 338 -17.78 4.36 19.41
C GLU A 338 -17.83 5.37 20.57
N LYS A 339 -17.40 4.94 21.76
CA LYS A 339 -17.33 5.87 22.88
C LYS A 339 -16.29 6.99 22.62
N ALA A 340 -15.15 6.65 22.06
CA ALA A 340 -14.18 7.71 21.78
C ALA A 340 -14.71 8.67 20.72
N ALA A 341 -15.44 8.15 19.72
CA ALA A 341 -15.99 9.04 18.69
C ALA A 341 -16.95 10.06 19.29
N GLU A 342 -17.76 9.64 20.26
CA GLU A 342 -18.80 10.53 20.79
C GLU A 342 -18.28 11.50 21.84
N VAL A 343 -17.24 11.13 22.60
CA VAL A 343 -16.58 12.09 23.48
C VAL A 343 -15.79 13.09 22.65
N ASP A 344 -15.18 12.63 21.56
CA ASP A 344 -14.46 13.51 20.64
C ASP A 344 -15.36 14.63 20.12
N VAL A 345 -16.52 14.28 19.55
CA VAL A 345 -17.30 15.32 18.86
C VAL A 345 -17.89 16.31 19.87
N GLU A 346 -18.24 15.87 21.08
CA GLU A 346 -18.72 16.81 22.09
C GLU A 346 -17.59 17.73 22.57
N TYR A 347 -16.40 17.16 22.78
CA TYR A 347 -15.26 17.97 23.17
C TYR A 347 -14.88 18.95 22.06
N ALA A 348 -14.82 18.47 20.81
CA ALA A 348 -14.46 19.37 19.70
C ALA A 348 -15.43 20.54 19.61
N ARG A 349 -16.74 20.26 19.65
CA ARG A 349 -17.70 21.35 19.54
C ARG A 349 -17.57 22.33 20.71
N ARG A 350 -17.40 21.82 21.93
CA ARG A 350 -17.27 22.69 23.09
C ARG A 350 -16.02 23.55 22.97
N LEU A 351 -14.90 22.96 22.54
CA LEU A 351 -13.64 23.68 22.54
C LEU A 351 -13.62 24.76 21.46
N LEU A 352 -14.21 24.49 20.28
CA LEU A 352 -14.27 25.52 19.25
C LEU A 352 -15.16 26.69 19.69
N LYS A 353 -16.30 26.40 20.31
CA LYS A 353 -17.14 27.45 20.89
C LYS A 353 -16.32 28.41 21.76
N GLU A 354 -15.49 27.88 22.64
CA GLU A 354 -14.74 28.76 23.55
C GLU A 354 -13.65 29.55 22.82
N LEU A 355 -13.12 29.04 21.70
CA LEU A 355 -12.09 29.79 20.98
C LEU A 355 -12.72 30.86 20.08
N GLN B 10 -12.08 -23.14 -24.41
CA GLN B 10 -13.03 -22.25 -25.04
C GLN B 10 -13.10 -20.91 -24.27
N THR B 11 -13.13 -20.97 -22.93
CA THR B 11 -13.03 -19.79 -22.04
C THR B 11 -11.60 -19.24 -21.99
N LEU B 12 -11.44 -17.96 -22.29
CA LEU B 12 -10.11 -17.35 -22.23
C LEU B 12 -9.73 -17.06 -20.78
N HIS B 13 -8.43 -16.88 -20.55
CA HIS B 13 -7.93 -16.74 -19.19
C HIS B 13 -6.56 -16.10 -19.23
N ALA B 14 -6.13 -15.66 -18.06
CA ALA B 14 -4.84 -15.00 -17.91
C ALA B 14 -4.41 -15.15 -16.45
N PRO B 15 -3.13 -14.88 -16.15
CA PRO B 15 -2.67 -15.04 -14.76
C PRO B 15 -3.21 -13.98 -13.77
N HIS B 16 -3.70 -12.83 -14.25
CA HIS B 16 -4.50 -11.93 -13.41
C HIS B 16 -5.96 -12.16 -13.80
N CYS B 17 -6.83 -12.38 -12.81
CA CYS B 17 -8.18 -12.80 -13.15
C CYS B 17 -8.94 -11.71 -13.91
N GLU B 18 -8.67 -10.42 -13.63
CA GLU B 18 -9.42 -9.36 -14.29
C GLU B 18 -9.02 -9.25 -15.75
N VAL B 19 -7.78 -9.61 -16.07
CA VAL B 19 -7.32 -9.61 -17.46
C VAL B 19 -7.98 -10.74 -18.25
N GLY B 20 -8.08 -11.93 -17.64
CA GLY B 20 -8.79 -13.02 -18.30
C GLY B 20 -10.26 -12.71 -18.51
N CYS B 21 -10.88 -12.05 -17.54
CA CYS B 21 -12.26 -11.61 -17.69
C CYS B 21 -12.40 -10.61 -18.85
N ALA B 22 -11.49 -9.65 -18.92
CA ALA B 22 -11.54 -8.67 -20.01
C ALA B 22 -11.33 -9.34 -21.37
N ALA B 23 -10.46 -10.35 -21.44
CA ALA B 23 -10.25 -11.06 -22.70
C ALA B 23 -11.55 -11.68 -23.18
N ASN B 24 -12.35 -12.20 -22.26
CA ASN B 24 -13.60 -12.82 -22.64
C ASN B 24 -14.59 -11.79 -23.15
N VAL B 25 -14.67 -10.63 -22.51
CA VAL B 25 -15.63 -9.62 -22.95
C VAL B 25 -15.20 -9.07 -24.31
N ALA B 26 -13.89 -8.88 -24.51
CA ALA B 26 -13.38 -8.33 -25.76
C ALA B 26 -13.61 -9.26 -26.94
N ARG B 27 -13.49 -10.57 -26.72
CA ARG B 27 -13.80 -11.52 -27.78
C ARG B 27 -15.24 -11.37 -28.27
N ARG B 28 -16.17 -11.04 -27.37
CA ARG B 28 -17.57 -10.89 -27.75
C ARG B 28 -17.79 -9.78 -28.76
N VAL B 29 -16.86 -8.82 -28.87
CA VAL B 29 -16.98 -7.68 -29.77
C VAL B 29 -15.87 -7.67 -30.82
N GLY B 30 -15.26 -8.83 -31.09
CA GLY B 30 -14.32 -8.96 -32.19
C GLY B 30 -12.95 -8.41 -31.93
N VAL B 31 -12.58 -8.24 -30.66
CA VAL B 31 -11.29 -7.68 -30.26
C VAL B 31 -10.50 -8.77 -29.56
N ASP B 32 -9.27 -9.00 -30.01
CA ASP B 32 -8.36 -9.96 -29.39
C ASP B 32 -7.56 -9.21 -28.34
N LEU B 33 -7.93 -9.37 -27.06
CA LEU B 33 -7.28 -8.59 -26.01
C LEU B 33 -5.81 -8.93 -25.89
N ALA B 34 -5.49 -10.22 -25.80
CA ALA B 34 -4.09 -10.62 -25.66
C ALA B 34 -3.23 -10.15 -26.86
N ARG B 35 -3.77 -10.16 -28.07
CA ARG B 35 -2.95 -9.75 -29.22
C ARG B 35 -2.98 -8.25 -29.49
N GLN B 36 -4.16 -7.65 -29.55
CA GLN B 36 -4.30 -6.29 -30.06
C GLN B 36 -4.24 -5.21 -28.98
N VAL B 37 -4.47 -5.58 -27.71
CA VAL B 37 -4.56 -4.63 -26.62
C VAL B 37 -3.39 -4.78 -25.67
N ILE B 38 -3.28 -5.95 -25.04
CA ILE B 38 -2.16 -6.20 -24.13
C ILE B 38 -0.86 -6.43 -24.91
N GLY B 39 -0.92 -7.22 -25.99
CA GLY B 39 0.27 -7.43 -26.79
C GLY B 39 0.80 -6.18 -27.45
N ALA B 40 -0.08 -5.21 -27.71
CA ALA B 40 0.25 -3.92 -28.28
C ALA B 40 0.76 -2.90 -27.28
N HIS B 41 0.95 -3.28 -26.00
CA HIS B 41 1.44 -2.34 -24.98
C HIS B 41 2.67 -2.93 -24.31
N TRP B 42 3.81 -2.77 -24.97
CA TRP B 42 5.09 -3.20 -24.43
C TRP B 42 5.45 -2.35 -23.22
N ALA B 43 5.76 -2.99 -22.10
CA ALA B 43 6.11 -2.21 -20.91
C ALA B 43 6.87 -3.09 -19.92
N SER B 44 7.66 -2.41 -19.10
CA SER B 44 8.48 -3.04 -18.06
C SER B 44 8.66 -2.01 -16.98
N ARG B 45 8.26 -2.33 -15.74
CA ARG B 45 8.27 -1.33 -14.67
C ARG B 45 8.48 -1.98 -13.32
N MET B 46 9.41 -1.41 -12.55
CA MET B 46 9.59 -1.75 -11.15
C MET B 46 8.81 -0.76 -10.29
N LEU B 47 8.10 -1.28 -9.28
CA LEU B 47 7.39 -0.44 -8.32
C LEU B 47 7.86 -0.74 -6.90
N VAL B 48 8.16 0.31 -6.16
CA VAL B 48 8.49 0.25 -4.74
C VAL B 48 7.50 1.13 -4.01
N ARG B 49 7.07 0.67 -2.83
CA ARG B 49 6.35 1.46 -1.85
C ARG B 49 7.22 1.54 -0.60
N GLU B 50 7.51 2.77 -0.15
CA GLU B 50 8.51 2.91 0.92
C GLU B 50 8.27 4.17 1.73
N VAL B 51 9.06 4.32 2.80
CA VAL B 51 8.94 5.49 3.68
C VAL B 51 9.18 6.75 2.88
N GLY B 52 8.24 7.71 3.00
CA GLY B 52 8.35 9.05 2.50
C GLY B 52 8.05 10.04 3.63
N THR B 53 7.45 11.17 3.24
CA THR B 53 7.11 12.21 4.21
C THR B 53 6.09 11.69 5.22
N PHE B 54 6.35 11.96 6.50
CA PHE B 54 5.37 11.66 7.53
C PHE B 54 4.19 12.62 7.42
N PRO B 55 2.95 12.17 7.75
CA PRO B 55 2.61 10.80 8.16
C PRO B 55 2.05 9.98 6.99
N GLN B 56 2.21 8.68 7.08
CA GLN B 56 1.76 7.76 6.02
C GLN B 56 1.16 6.55 6.71
N PRO B 57 -0.08 6.67 7.20
CA PRO B 57 -0.63 5.60 8.04
C PRO B 57 -0.91 4.31 7.30
N LEU B 58 -1.21 4.36 6.00
CA LEU B 58 -1.39 3.13 5.24
C LEU B 58 -0.06 2.47 4.86
N LEU B 59 1.08 3.05 5.21
CA LEU B 59 2.36 2.43 4.88
C LEU B 59 2.67 1.38 5.93
N ASP B 60 2.36 0.12 5.62
CA ASP B 60 2.49 -0.96 6.58
C ASP B 60 3.83 -1.69 6.52
N ARG B 61 4.53 -1.62 5.39
CA ARG B 61 5.81 -2.31 5.16
C ARG B 61 6.40 -1.81 3.85
N THR B 62 7.72 -1.87 3.74
CA THR B 62 8.33 -1.63 2.44
C THR B 62 7.99 -2.79 1.53
N GLN B 63 7.71 -2.47 0.27
CA GLN B 63 7.18 -3.46 -0.64
C GLN B 63 7.66 -3.13 -2.05
N VAL B 64 8.00 -4.16 -2.80
CA VAL B 64 8.50 -3.99 -4.16
C VAL B 64 7.83 -5.03 -5.06
N THR B 65 7.52 -4.63 -6.29
CA THR B 65 6.96 -5.57 -7.25
C THR B 65 7.30 -5.11 -8.66
N PHE B 66 6.83 -5.88 -9.63
CA PHE B 66 7.07 -5.66 -11.04
C PHE B 66 5.75 -5.60 -11.80
N SER B 67 5.74 -4.83 -12.90
CA SER B 67 4.54 -4.75 -13.75
C SER B 67 4.93 -4.60 -15.22
N ALA B 68 4.39 -5.49 -16.06
CA ALA B 68 4.42 -5.33 -17.50
C ALA B 68 3.09 -4.83 -18.05
N GLN B 69 2.23 -4.25 -17.21
CA GLN B 69 0.90 -3.81 -17.65
C GLN B 69 0.88 -2.38 -18.18
N GLY B 70 1.92 -1.59 -17.88
CA GLY B 70 1.96 -0.22 -18.36
C GLY B 70 0.72 0.55 -17.99
N GLU B 71 0.13 1.20 -18.99
CA GLU B 71 -1.10 1.99 -18.79
C GLU B 71 -2.27 1.09 -18.38
N GLY B 72 -2.26 -0.17 -18.80
CA GLY B 72 -3.28 -1.14 -18.44
C GLY B 72 -4.37 -1.28 -19.50
N TRP B 73 -4.95 -2.47 -19.57
CA TRP B 73 -5.98 -2.73 -20.57
C TRP B 73 -7.22 -1.82 -20.48
N PRO B 74 -7.69 -1.33 -19.31
CA PRO B 74 -8.88 -0.46 -19.37
C PRO B 74 -8.66 0.80 -20.19
N ALA B 75 -7.49 1.43 -20.04
CA ALA B 75 -7.17 2.60 -20.85
C ALA B 75 -6.96 2.22 -22.32
N LEU B 76 -6.20 1.14 -22.57
CA LEU B 76 -5.97 0.70 -23.95
C LEU B 76 -7.27 0.25 -24.63
N LEU B 77 -8.07 -0.58 -23.94
CA LEU B 77 -9.26 -1.12 -24.57
C LEU B 77 -10.30 -0.04 -24.84
N ALA B 78 -10.38 0.98 -23.99
CA ALA B 78 -11.31 2.08 -24.25
C ALA B 78 -10.85 2.88 -25.47
N ARG B 79 -9.58 3.27 -25.50
CA ARG B 79 -9.00 4.03 -26.62
C ARG B 79 -9.32 3.34 -27.92
N MET B 80 -8.93 2.07 -28.01
CA MET B 80 -8.85 1.34 -29.27
C MET B 80 -10.23 1.03 -29.82
N THR B 81 -11.23 0.87 -28.94
CA THR B 81 -12.59 0.55 -29.34
C THR B 81 -13.48 1.79 -29.45
N GLY B 82 -13.03 2.93 -28.94
CA GLY B 82 -13.91 4.08 -28.86
C GLY B 82 -15.00 3.98 -27.82
N GLY B 83 -14.92 3.00 -26.90
CA GLY B 83 -15.87 2.85 -25.85
C GLY B 83 -15.32 3.26 -24.51
N GLU B 84 -15.91 2.70 -23.45
CA GLU B 84 -15.52 3.07 -22.09
C GLU B 84 -15.49 1.84 -21.21
N VAL B 85 -14.68 1.92 -20.15
CA VAL B 85 -14.55 0.87 -19.15
C VAL B 85 -14.82 1.55 -17.82
N THR B 86 -16.04 1.42 -17.33
CA THR B 86 -16.59 2.34 -16.34
C THR B 86 -16.95 1.58 -15.07
N SER B 87 -16.43 2.06 -13.96
CA SER B 87 -16.73 1.48 -12.64
C SER B 87 -17.91 2.20 -11.99
N ARG B 88 -18.72 1.42 -11.28
CA ARG B 88 -20.02 1.90 -10.82
C ARG B 88 -20.50 0.96 -9.73
N HIS B 89 -21.19 1.50 -8.73
CA HIS B 89 -21.94 0.68 -7.77
C HIS B 89 -23.42 0.70 -8.14
N VAL B 90 -24.01 -0.48 -8.23
CA VAL B 90 -25.38 -0.62 -8.69
C VAL B 90 -26.23 -1.03 -7.49
N PRO B 91 -27.37 -0.37 -7.24
CA PRO B 91 -28.32 -0.92 -6.27
C PRO B 91 -28.85 -2.27 -6.74
N ARG B 92 -29.29 -3.08 -5.76
CA ARG B 92 -29.63 -4.47 -6.01
C ARG B 92 -30.67 -4.61 -7.11
N GLU B 93 -31.70 -3.75 -7.09
CA GLU B 93 -32.80 -3.87 -8.04
C GLU B 93 -32.39 -3.53 -9.47
N GLU B 94 -31.18 -3.02 -9.68
CA GLU B 94 -30.68 -2.72 -11.02
C GLU B 94 -29.49 -3.57 -11.44
N LEU B 95 -29.12 -4.59 -10.67
CA LEU B 95 -27.97 -5.41 -11.04
C LEU B 95 -28.27 -6.26 -12.26
N LEU B 96 -29.37 -7.02 -12.23
CA LEU B 96 -29.69 -7.91 -13.33
C LEU B 96 -29.83 -7.13 -14.63
N SER B 97 -30.55 -6.01 -14.58
CA SER B 97 -30.78 -5.21 -15.79
C SER B 97 -29.48 -4.59 -16.28
N THR B 98 -28.58 -4.21 -15.35
CA THR B 98 -27.25 -3.77 -15.75
C THR B 98 -26.48 -4.90 -16.40
N LEU B 99 -26.58 -6.12 -15.86
CA LEU B 99 -25.85 -7.23 -16.46
C LEU B 99 -26.39 -7.53 -17.87
N HIS B 100 -27.70 -7.62 -18.01
CA HIS B 100 -28.29 -7.85 -19.34
C HIS B 100 -27.99 -6.71 -20.30
N ALA B 101 -28.11 -5.45 -19.84
CA ALA B 101 -27.93 -4.30 -20.72
C ALA B 101 -26.48 -4.14 -21.15
N ASP B 102 -25.53 -4.41 -20.26
CA ASP B 102 -24.12 -4.29 -20.63
C ASP B 102 -23.73 -5.32 -21.70
N ARG B 103 -24.39 -6.48 -21.74
CA ARG B 103 -23.92 -7.57 -22.58
C ARG B 103 -24.01 -7.20 -24.06
N ALA B 104 -24.97 -6.36 -24.43
CA ALA B 104 -25.12 -5.99 -25.83
C ALA B 104 -23.93 -5.18 -26.35
N GLU B 105 -23.26 -4.39 -25.50
CA GLU B 105 -22.12 -3.60 -25.96
C GLU B 105 -20.77 -4.13 -25.47
N GLY B 106 -20.77 -5.29 -24.83
CA GLY B 106 -19.54 -5.86 -24.32
C GLY B 106 -19.87 -6.78 -23.16
N GLY B 107 -19.77 -6.28 -21.94
CA GLY B 107 -20.13 -7.07 -20.77
C GLY B 107 -19.71 -6.35 -19.50
N THR B 108 -19.62 -7.14 -18.44
CA THR B 108 -19.46 -6.63 -17.08
C THR B 108 -18.44 -7.49 -16.36
N LEU B 109 -17.46 -6.84 -15.73
CA LEU B 109 -16.68 -7.49 -14.68
C LEU B 109 -17.42 -7.23 -13.37
N LEU B 110 -18.01 -8.29 -12.81
CA LEU B 110 -18.74 -8.19 -11.55
C LEU B 110 -17.80 -8.55 -10.41
N PHE B 111 -17.68 -7.68 -9.42
CA PHE B 111 -16.74 -7.93 -8.33
C PHE B 111 -17.37 -8.85 -7.29
N MET B 112 -16.53 -9.67 -6.67
CA MET B 112 -17.06 -10.66 -5.75
C MET B 112 -16.04 -11.04 -4.68
N GLU B 113 -16.54 -11.30 -3.47
CA GLU B 113 -15.69 -11.90 -2.44
C GLU B 113 -15.32 -13.31 -2.84
N ASP B 114 -14.09 -13.72 -2.48
CA ASP B 114 -13.67 -15.10 -2.78
C ASP B 114 -14.71 -16.11 -2.27
N ARG B 115 -15.22 -15.91 -1.04
CA ARG B 115 -16.19 -16.83 -0.46
C ARG B 115 -17.53 -16.80 -1.18
N ALA B 116 -17.79 -15.79 -2.01
CA ALA B 116 -19.01 -15.81 -2.83
C ALA B 116 -18.92 -16.78 -3.99
N CYS B 117 -17.69 -17.17 -4.39
CA CYS B 117 -17.45 -18.04 -5.54
C CYS B 117 -17.07 -19.44 -5.04
N PRO B 118 -18.01 -20.38 -4.94
CA PRO B 118 -17.71 -21.63 -4.23
C PRO B 118 -16.57 -22.45 -4.85
N TRP B 119 -16.33 -22.34 -6.16
CA TRP B 119 -15.24 -23.08 -6.81
C TRP B 119 -13.85 -22.63 -6.36
N LEU B 120 -13.76 -21.54 -5.61
CA LEU B 120 -12.49 -21.04 -5.09
C LEU B 120 -12.11 -21.72 -3.79
N ASP B 121 -13.03 -22.49 -3.21
CA ASP B 121 -12.81 -23.17 -1.93
C ASP B 121 -12.22 -22.19 -0.90
N SER B 122 -12.88 -21.04 -0.78
CA SER B 122 -12.53 -20.00 0.17
C SER B 122 -13.75 -19.57 0.97
N ALA B 123 -14.54 -20.53 1.46
CA ALA B 123 -15.73 -20.20 2.26
C ALA B 123 -15.38 -19.41 3.51
N HIS B 124 -14.18 -19.60 4.04
CA HIS B 124 -13.75 -19.04 5.31
C HIS B 124 -13.32 -17.58 5.21
N SER B 125 -13.18 -17.01 4.00
CA SER B 125 -12.55 -15.73 3.89
C SER B 125 -13.02 -14.98 2.64
N PRO B 126 -13.18 -13.66 2.72
CA PRO B 126 -13.49 -12.86 1.52
C PRO B 126 -12.29 -12.60 0.65
N GLY B 127 -11.12 -13.13 1.02
CA GLY B 127 -9.92 -12.94 0.24
C GLY B 127 -9.14 -11.70 0.67
N MET B 128 -7.84 -11.71 0.35
CA MET B 128 -7.01 -10.52 0.57
C MET B 128 -7.50 -9.37 -0.29
N LEU B 129 -7.84 -9.68 -1.54
CA LEU B 129 -8.44 -8.76 -2.49
C LEU B 129 -9.77 -9.34 -2.94
N PRO B 130 -10.70 -8.52 -3.42
CA PRO B 130 -11.90 -9.08 -4.04
C PRO B 130 -11.52 -9.81 -5.33
N HIS B 131 -12.43 -10.67 -5.76
CA HIS B 131 -12.37 -11.41 -7.01
C HIS B 131 -13.25 -10.70 -8.04
N VAL B 132 -13.13 -11.09 -9.32
CA VAL B 132 -14.03 -10.64 -10.38
C VAL B 132 -14.41 -11.84 -11.21
N VAL B 133 -15.67 -11.87 -11.68
CA VAL B 133 -16.17 -12.82 -12.65
C VAL B 133 -16.89 -12.04 -13.75
N VAL B 134 -17.13 -12.72 -14.86
CA VAL B 134 -17.88 -12.13 -15.97
C VAL B 134 -19.23 -12.85 -16.06
N PRO B 135 -20.32 -12.25 -15.62
CA PRO B 135 -21.63 -12.90 -15.83
C PRO B 135 -21.90 -13.04 -17.32
N ASP B 136 -22.49 -14.15 -17.70
CA ASP B 136 -22.54 -14.55 -19.09
C ASP B 136 -23.93 -15.05 -19.43
N GLY B 137 -24.96 -14.35 -18.96
CA GLY B 137 -26.32 -14.65 -19.34
C GLY B 137 -26.99 -15.69 -18.46
N VAL B 138 -28.29 -15.80 -18.66
CA VAL B 138 -29.13 -16.73 -17.92
C VAL B 138 -29.35 -17.93 -18.82
N ALA B 139 -29.15 -19.12 -18.27
CA ALA B 139 -29.33 -20.34 -19.03
C ALA B 139 -30.82 -20.66 -19.09
N PRO B 140 -31.25 -21.49 -20.11
CA PRO B 140 -32.68 -21.75 -20.31
C PRO B 140 -33.43 -22.27 -19.09
N ASP B 141 -32.68 -22.74 -18.09
CA ASP B 141 -33.24 -23.25 -16.85
C ASP B 141 -33.33 -22.18 -15.75
N GLY B 142 -33.06 -20.91 -16.08
CA GLY B 142 -33.06 -19.85 -15.09
C GLY B 142 -31.74 -19.58 -14.41
N SER B 143 -30.76 -20.46 -14.57
CA SER B 143 -29.51 -20.26 -13.85
C SER B 143 -28.60 -19.31 -14.63
N TRP B 144 -27.79 -18.56 -13.87
CA TRP B 144 -26.79 -17.66 -14.41
C TRP B 144 -25.49 -18.41 -14.65
N GLN B 145 -24.77 -18.00 -15.69
CA GLN B 145 -23.46 -18.54 -16.00
C GLN B 145 -22.42 -17.49 -15.70
N LEU B 146 -21.34 -17.88 -15.04
CA LEU B 146 -20.28 -16.97 -14.67
C LEU B 146 -18.98 -17.47 -15.24
N ILE B 147 -18.28 -16.63 -15.97
CA ILE B 147 -16.99 -16.96 -16.55
C ILE B 147 -15.90 -16.60 -15.55
N GLU B 148 -15.04 -17.57 -15.26
CA GLU B 148 -13.88 -17.41 -14.41
C GLU B 148 -12.65 -17.20 -15.30
N GLY B 149 -12.01 -16.03 -15.16
CA GLY B 149 -10.93 -15.68 -16.07
C GLY B 149 -9.53 -15.94 -15.56
N HIS B 150 -9.38 -16.44 -14.34
CA HIS B 150 -8.07 -16.80 -13.83
C HIS B 150 -7.70 -18.21 -14.29
N SER B 151 -6.47 -18.34 -14.80
CA SER B 151 -6.02 -19.61 -15.38
C SER B 151 -6.25 -20.81 -14.47
N TRP B 152 -5.95 -20.69 -13.17
CA TRP B 152 -6.01 -21.89 -12.33
C TRP B 152 -7.44 -22.39 -12.11
N TRP B 153 -8.44 -21.52 -12.24
CA TRP B 153 -9.83 -21.96 -12.07
C TRP B 153 -10.65 -21.85 -13.34
N ARG B 154 -10.04 -21.54 -14.49
CA ARG B 154 -10.75 -21.15 -15.70
C ARG B 154 -11.92 -22.07 -16.05
N GLY B 155 -12.99 -21.46 -16.56
CA GLY B 155 -14.17 -22.20 -16.94
C GLY B 155 -15.42 -21.37 -16.71
N ARG B 156 -16.54 -22.07 -16.64
CA ARG B 156 -17.85 -21.46 -16.51
C ARG B 156 -18.56 -22.13 -15.37
N TYR B 157 -19.10 -21.35 -14.46
CA TYR B 157 -19.76 -21.90 -13.31
C TYR B 157 -21.19 -21.40 -13.32
N ALA B 158 -22.10 -22.25 -12.87
CA ALA B 158 -23.50 -21.87 -12.77
C ALA B 158 -23.80 -21.34 -11.38
N MET B 159 -24.61 -20.30 -11.32
CA MET B 159 -25.11 -19.81 -10.04
C MET B 159 -26.59 -19.51 -10.20
N SER B 160 -27.37 -19.80 -9.16
CA SER B 160 -28.76 -19.36 -9.16
C SER B 160 -28.83 -17.85 -9.02
N GLU B 161 -29.88 -17.26 -9.59
CA GLU B 161 -30.12 -15.82 -9.44
C GLU B 161 -30.13 -15.41 -7.97
N GLN B 162 -30.75 -16.24 -7.13
CA GLN B 162 -30.79 -15.95 -5.69
C GLN B 162 -29.38 -15.83 -5.12
N ASP B 163 -28.50 -16.79 -5.45
CA ASP B 163 -27.14 -16.74 -4.91
C ASP B 163 -26.33 -15.62 -5.56
N LEU B 164 -26.58 -15.29 -6.83
CA LEU B 164 -25.85 -14.19 -7.46
C LEU B 164 -26.18 -12.87 -6.78
N LEU B 165 -27.47 -12.62 -6.50
CA LEU B 165 -27.84 -11.37 -5.85
C LEU B 165 -27.27 -11.31 -4.45
N ALA B 166 -27.42 -12.40 -3.68
CA ALA B 166 -26.90 -12.40 -2.31
C ALA B 166 -25.38 -12.19 -2.30
N ALA B 167 -24.68 -12.80 -3.26
CA ALA B 167 -23.23 -12.72 -3.31
C ALA B 167 -22.72 -11.38 -3.79
N SER B 168 -23.49 -10.68 -4.62
CA SER B 168 -23.07 -9.37 -5.08
C SER B 168 -23.30 -8.26 -4.06
N TYR B 169 -24.05 -8.51 -2.98
CA TYR B 169 -24.26 -7.50 -1.93
C TYR B 169 -23.86 -8.07 -0.57
N PRO B 170 -22.57 -8.27 -0.35
CA PRO B 170 -22.13 -8.76 0.97
C PRO B 170 -22.31 -7.70 2.05
N ASP B 171 -22.68 -8.18 3.25
CA ASP B 171 -22.80 -7.40 4.48
C ASP B 171 -22.25 -8.25 5.62
N PRO B 172 -21.18 -7.77 6.31
CA PRO B 172 -20.39 -6.59 5.95
C PRO B 172 -19.61 -6.73 4.63
N ASP B 173 -19.01 -5.65 4.17
CA ASP B 173 -18.43 -5.54 2.83
C ASP B 173 -16.99 -5.06 2.93
N PRO B 174 -16.07 -5.91 3.44
CA PRO B 174 -14.68 -5.44 3.64
C PRO B 174 -14.04 -4.88 2.39
N HIS B 175 -14.32 -5.46 1.21
CA HIS B 175 -13.62 -5.01 0.01
C HIS B 175 -14.29 -3.84 -0.67
N HIS B 176 -15.46 -3.42 -0.20
CA HIS B 176 -16.28 -2.38 -0.84
C HIS B 176 -16.62 -2.78 -2.29
N VAL B 177 -17.21 -3.96 -2.43
CA VAL B 177 -17.59 -4.42 -3.76
C VAL B 177 -19.08 -4.67 -3.89
N ALA B 178 -19.88 -4.22 -2.93
CA ALA B 178 -21.31 -4.46 -2.99
C ALA B 178 -21.92 -3.79 -4.23
N GLY B 179 -22.45 -4.60 -5.14
CA GLY B 179 -23.01 -4.10 -6.38
C GLY B 179 -22.05 -3.32 -7.23
N ARG B 180 -20.77 -3.64 -7.15
CA ARG B 180 -19.73 -2.94 -7.89
C ARG B 180 -19.48 -3.64 -9.21
N VAL B 181 -19.60 -2.92 -10.31
CA VAL B 181 -19.45 -3.49 -11.63
C VAL B 181 -18.48 -2.63 -12.42
N LEU B 182 -17.67 -3.27 -13.23
CA LEU B 182 -16.89 -2.60 -14.25
C LEU B 182 -17.63 -2.87 -15.55
N SER B 183 -18.19 -1.81 -16.13
CA SER B 183 -18.96 -1.92 -17.36
C SER B 183 -18.04 -1.72 -18.56
N LEU B 184 -17.95 -2.74 -19.41
CA LEU B 184 -17.12 -2.72 -20.61
C LEU B 184 -18.08 -2.51 -21.77
N ARG B 185 -18.26 -1.24 -22.15
CA ARG B 185 -19.04 -0.85 -23.32
C ARG B 185 -18.00 -0.57 -24.40
N ILE B 186 -17.77 -1.57 -25.26
CA ILE B 186 -16.55 -1.60 -26.06
C ILE B 186 -16.80 -2.11 -27.47
N ARG B 187 -18.05 -2.26 -27.88
CA ARG B 187 -18.32 -2.74 -29.23
C ARG B 187 -17.83 -1.74 -30.27
N PRO B 188 -16.83 -2.09 -31.09
CA PRO B 188 -16.35 -1.13 -32.09
C PRO B 188 -17.38 -0.93 -33.20
N SER B 189 -17.42 0.29 -33.74
CA SER B 189 -18.17 0.51 -34.97
C SER B 189 -17.55 -0.29 -36.10
N ALA B 190 -18.32 -0.51 -37.17
CA ALA B 190 -17.80 -1.25 -38.31
C ALA B 190 -16.48 -0.67 -38.80
N GLU B 191 -16.42 0.66 -38.97
CA GLU B 191 -15.19 1.30 -39.43
C GLU B 191 -14.06 1.09 -38.45
N ARG B 192 -14.34 1.26 -37.15
CA ARG B 192 -13.31 1.08 -36.13
C ARG B 192 -12.77 -0.34 -36.14
N ALA B 193 -13.63 -1.33 -36.33
CA ALA B 193 -13.19 -2.72 -36.36
C ALA B 193 -12.10 -2.95 -37.42
N ALA B 194 -12.24 -2.30 -38.58
CA ALA B 194 -11.24 -2.45 -39.65
C ALA B 194 -9.97 -1.67 -39.35
N GLN B 195 -10.07 -0.55 -38.65
CA GLN B 195 -8.89 0.19 -38.22
C GLN B 195 -8.20 -0.43 -37.00
N LEU B 196 -8.72 -1.55 -36.47
CA LEU B 196 -8.21 -2.11 -35.21
C LEU B 196 -6.72 -2.43 -35.30
N ASP B 197 -6.34 -3.35 -36.20
CA ASP B 197 -4.95 -3.72 -36.37
C ASP B 197 -4.06 -2.55 -36.80
N THR B 198 -4.65 -1.48 -37.34
CA THR B 198 -3.89 -0.27 -37.57
C THR B 198 -3.51 0.38 -36.24
N LEU B 199 -4.50 0.57 -35.37
CA LEU B 199 -4.25 1.15 -34.05
C LEU B 199 -3.36 0.23 -33.20
N ALA B 200 -3.52 -1.09 -33.33
CA ALA B 200 -2.64 -2.00 -32.59
C ALA B 200 -1.19 -1.81 -33.02
N ARG B 201 -0.96 -1.55 -34.31
CA ARG B 201 0.38 -1.26 -34.77
C ARG B 201 0.90 0.03 -34.14
N GLN B 202 0.09 1.10 -34.17
CA GLN B 202 0.49 2.36 -33.57
C GLN B 202 0.79 2.19 -32.08
N GLU B 203 -0.13 1.58 -31.33
CA GLU B 203 0.07 1.41 -29.88
C GLU B 203 1.35 0.61 -29.60
N LEU B 204 1.70 -0.33 -30.48
CA LEU B 204 2.93 -1.08 -30.27
C LEU B 204 4.14 -0.16 -30.30
N ALA B 205 4.19 0.75 -31.28
CA ALA B 205 5.30 1.68 -31.37
C ALA B 205 5.27 2.69 -30.21
N ALA B 206 4.10 3.26 -29.94
CA ALA B 206 3.99 4.20 -28.83
C ALA B 206 4.50 3.59 -27.53
N GLY B 207 4.12 2.35 -27.27
CA GLY B 207 4.58 1.68 -26.07
C GLY B 207 6.06 1.36 -26.11
N LEU B 208 6.58 1.00 -27.29
CA LEU B 208 8.02 0.76 -27.39
C LEU B 208 8.81 2.05 -27.13
N ARG B 209 8.31 3.17 -27.65
CA ARG B 209 9.00 4.44 -27.44
C ARG B 209 8.98 4.84 -25.97
N THR B 210 7.89 4.53 -25.25
CA THR B 210 7.83 4.82 -23.81
C THR B 210 8.85 3.98 -23.03
N TYR B 211 8.97 2.70 -23.37
CA TYR B 211 9.91 1.80 -22.69
C TYR B 211 11.34 2.30 -22.78
N LEU B 212 11.71 2.92 -23.91
CA LEU B 212 13.08 3.40 -24.07
C LEU B 212 13.27 4.81 -23.55
N ALA B 213 12.19 5.61 -23.53
CA ALA B 213 12.21 6.87 -22.79
C ALA B 213 12.60 6.65 -21.34
N ALA B 214 12.19 5.53 -20.75
CA ALA B 214 12.75 5.01 -19.50
C ALA B 214 12.68 6.03 -18.37
N GLU B 215 11.57 6.77 -18.29
CA GLU B 215 11.37 7.72 -17.22
C GLU B 215 11.13 6.99 -15.89
N CYS B 216 11.34 7.72 -14.79
CA CYS B 216 11.00 7.25 -13.46
C CYS B 216 10.21 8.33 -12.75
N GLY B 217 9.57 7.96 -11.65
CA GLY B 217 8.71 8.91 -10.96
C GLY B 217 8.61 8.62 -9.48
N GLU B 218 8.01 9.57 -8.78
CA GLU B 218 7.85 9.48 -7.34
C GLU B 218 6.57 10.20 -6.96
N THR B 219 5.78 9.58 -6.10
CA THR B 219 4.62 10.24 -5.56
C THR B 219 4.60 9.97 -4.05
N GLU B 220 4.21 10.98 -3.27
CA GLU B 220 4.00 10.82 -1.84
C GLU B 220 2.50 10.66 -1.59
N THR B 221 2.12 9.55 -0.96
CA THR B 221 0.72 9.22 -0.68
C THR B 221 0.57 8.82 0.77
N PRO B 222 -0.67 8.75 1.28
CA PRO B 222 -0.86 8.28 2.66
C PRO B 222 -0.48 6.82 2.84
N ALA B 223 -0.24 6.10 1.75
CA ALA B 223 0.19 4.71 1.79
C ALA B 223 1.70 4.57 1.67
N GLY B 224 2.42 5.69 1.66
CA GLY B 224 3.86 5.72 1.54
C GLY B 224 4.28 6.43 0.26
N ARG B 225 5.60 6.52 0.09
CA ARG B 225 6.17 7.01 -1.16
C ARG B 225 6.14 5.88 -2.18
N ILE B 226 5.60 6.17 -3.36
CA ILE B 226 5.51 5.19 -4.44
C ILE B 226 6.52 5.55 -5.51
N VAL B 227 7.53 4.70 -5.70
CA VAL B 227 8.63 4.92 -6.64
C VAL B 227 8.46 3.93 -7.79
N TRP B 228 8.55 4.42 -9.02
CA TRP B 228 8.47 3.54 -10.18
C TRP B 228 9.61 3.87 -11.15
N ALA B 229 10.01 2.86 -11.92
CA ALA B 229 11.05 3.01 -12.95
C ALA B 229 10.67 2.18 -14.18
N ASN B 230 10.58 2.84 -15.33
CA ASN B 230 10.34 2.22 -16.63
C ASN B 230 11.67 1.91 -17.33
N GLY B 231 11.64 0.92 -18.22
CA GLY B 231 12.70 0.75 -19.17
C GLY B 231 13.55 -0.50 -18.99
N PRO B 232 14.67 -0.55 -19.71
CA PRO B 232 15.56 -1.72 -19.59
C PRO B 232 16.21 -1.82 -18.22
N GLN B 233 16.36 -0.71 -17.52
CA GLN B 233 16.88 -0.67 -16.16
C GLN B 233 15.88 -1.11 -15.11
N SER B 234 14.63 -1.42 -15.49
CA SER B 234 13.61 -1.73 -14.50
C SER B 234 13.88 -3.07 -13.81
N VAL B 235 14.23 -4.10 -14.58
CA VAL B 235 14.47 -5.43 -14.02
C VAL B 235 15.80 -5.51 -13.27
N PRO B 236 16.91 -4.92 -13.76
CA PRO B 236 18.11 -4.88 -12.90
C PRO B 236 17.90 -4.12 -11.60
N LEU B 237 17.19 -2.98 -11.64
CA LEU B 237 16.82 -2.28 -10.41
C LEU B 237 15.99 -3.17 -9.49
N LEU B 238 14.99 -3.88 -10.04
CA LEU B 238 14.19 -4.80 -9.24
C LEU B 238 15.05 -5.84 -8.55
N VAL B 239 15.93 -6.50 -9.31
CA VAL B 239 16.79 -7.54 -8.74
C VAL B 239 17.67 -6.96 -7.64
N GLU B 240 18.15 -5.73 -7.82
CA GLU B 240 18.95 -5.08 -6.78
C GLU B 240 18.16 -4.92 -5.49
N ARG B 241 16.94 -4.37 -5.58
CA ARG B 241 16.12 -4.18 -4.39
C ARG B 241 15.66 -5.51 -3.81
N LEU B 242 15.35 -6.47 -4.68
CA LEU B 242 14.88 -7.77 -4.19
C LEU B 242 15.97 -8.50 -3.41
N ARG B 243 17.25 -8.20 -3.71
CA ARG B 243 18.35 -8.72 -2.88
C ARG B 243 18.14 -8.40 -1.41
N GLY B 244 17.51 -7.25 -1.11
CA GLY B 244 17.27 -6.87 0.27
C GLY B 244 16.44 -7.85 1.08
N TRP B 245 15.78 -8.81 0.44
CA TRP B 245 14.93 -9.76 1.13
C TRP B 245 15.59 -11.14 1.29
N ASP B 246 16.90 -11.25 1.06
CA ASP B 246 17.57 -12.53 1.26
C ASP B 246 17.54 -12.98 2.71
N TYR B 247 17.27 -12.07 3.65
CA TYR B 247 17.17 -12.45 5.06
C TYR B 247 16.05 -13.46 5.29
N LEU B 248 15.13 -13.61 4.35
CA LEU B 248 14.02 -14.54 4.54
C LEU B 248 14.49 -16.00 4.58
N CYS B 249 15.64 -16.32 3.95
CA CYS B 249 16.06 -17.73 3.85
C CYS B 249 16.43 -18.31 5.21
N PRO B 250 17.40 -17.76 5.95
CA PRO B 250 17.67 -18.33 7.29
C PRO B 250 16.50 -18.17 8.23
N LEU B 251 15.67 -17.15 8.01
CA LEU B 251 14.57 -16.87 8.91
C LEU B 251 13.52 -17.97 8.86
N ALA B 252 13.08 -18.34 7.65
CA ALA B 252 12.31 -19.57 7.52
C ALA B 252 13.17 -20.77 7.88
N ALA B 253 12.52 -21.85 8.31
CA ALA B 253 13.17 -23.08 8.76
C ALA B 253 13.97 -22.90 10.05
N ARG B 254 14.17 -21.65 10.48
CA ARG B 254 14.57 -21.37 11.85
C ARG B 254 13.34 -21.49 12.73
N ASN B 255 13.37 -22.41 13.69
CA ASN B 255 12.15 -22.90 14.31
C ASN B 255 11.83 -22.23 15.64
N ASP B 256 12.54 -21.17 16.00
CA ASP B 256 12.21 -20.37 17.18
C ASP B 256 11.66 -19.01 16.75
N LEU B 257 10.48 -19.04 16.12
CA LEU B 257 9.90 -17.86 15.48
C LEU B 257 8.74 -17.31 16.30
N SER B 258 8.84 -16.02 16.66
CA SER B 258 7.79 -15.30 17.36
C SER B 258 6.71 -14.83 16.38
N THR B 259 5.59 -14.37 16.94
CA THR B 259 4.46 -13.93 16.12
C THR B 259 4.86 -12.84 15.13
N GLU B 260 5.84 -12.00 15.50
CA GLU B 260 6.24 -10.88 14.64
C GLU B 260 7.24 -11.32 13.57
N HIS B 261 8.23 -12.13 13.93
CA HIS B 261 9.17 -12.65 12.93
C HIS B 261 8.50 -13.64 11.99
N ALA B 262 7.51 -14.40 12.49
CA ALA B 262 6.73 -15.28 11.62
C ALA B 262 5.82 -14.49 10.70
N ARG B 263 5.34 -13.32 11.14
CA ARG B 263 4.62 -12.43 10.26
C ARG B 263 5.54 -11.89 9.16
N ASP B 264 6.81 -11.63 9.50
CA ASP B 264 7.78 -11.19 8.49
C ASP B 264 8.00 -12.26 7.43
N VAL B 265 8.07 -13.53 7.84
CA VAL B 265 8.26 -14.61 6.88
C VAL B 265 7.06 -14.72 5.95
N ALA B 266 5.84 -14.72 6.52
CA ALA B 266 4.64 -14.82 5.70
C ALA B 266 4.51 -13.64 4.75
N LEU B 267 4.93 -12.43 5.15
CA LEU B 267 4.79 -11.30 4.25
C LEU B 267 5.88 -11.27 3.19
N GLY B 268 7.07 -11.78 3.52
CA GLY B 268 8.09 -11.99 2.49
C GLY B 268 7.63 -12.98 1.42
N ARG B 269 7.12 -14.14 1.86
CA ARG B 269 6.63 -15.11 0.90
C ARG B 269 5.51 -14.53 0.05
N TYR B 270 4.61 -13.76 0.66
CA TYR B 270 3.57 -13.10 -0.11
C TYR B 270 4.17 -12.18 -1.16
N LEU B 271 5.28 -11.51 -0.82
CA LEU B 271 5.88 -10.56 -1.76
C LEU B 271 6.31 -11.27 -3.04
N PHE B 272 6.87 -12.48 -2.90
CA PHE B 272 7.31 -13.24 -4.06
C PHE B 272 6.16 -13.97 -4.72
N LEU B 273 5.10 -14.33 -3.99
CA LEU B 273 3.92 -14.85 -4.67
C LEU B 273 3.32 -13.78 -5.56
N ALA B 274 3.14 -12.57 -5.04
CA ALA B 274 2.67 -11.47 -5.87
C ALA B 274 3.58 -11.25 -7.07
N LEU B 275 4.89 -11.23 -6.82
CA LEU B 275 5.85 -11.05 -7.91
C LEU B 275 5.70 -12.14 -8.95
N THR B 276 5.53 -13.38 -8.50
CA THR B 276 5.40 -14.49 -9.43
C THR B 276 4.25 -14.28 -10.40
N ASP B 277 3.10 -13.82 -9.88
CA ASP B 277 1.95 -13.56 -10.77
C ASP B 277 2.30 -12.49 -11.81
N GLU B 278 3.11 -11.50 -11.44
CA GLU B 278 3.44 -10.44 -12.39
C GLU B 278 4.43 -10.90 -13.45
N LEU B 279 5.25 -11.92 -13.14
CA LEU B 279 6.11 -12.53 -14.15
C LEU B 279 5.30 -13.40 -15.10
N ALA B 280 4.35 -14.19 -14.57
CA ALA B 280 3.45 -14.94 -15.44
C ALA B 280 2.64 -14.01 -16.32
N PHE B 281 2.25 -12.84 -15.80
CA PHE B 281 1.60 -11.89 -16.68
C PHE B 281 2.57 -11.38 -17.73
N ALA B 282 3.84 -11.16 -17.33
CA ALA B 282 4.84 -10.75 -18.29
C ALA B 282 4.99 -11.77 -19.42
N ALA B 283 5.05 -13.07 -19.10
CA ALA B 283 5.09 -14.08 -20.15
C ALA B 283 3.83 -14.04 -21.02
N TYR B 284 2.68 -13.79 -20.40
CA TYR B 284 1.43 -13.72 -21.14
C TYR B 284 1.40 -12.50 -22.05
N ALA B 285 1.84 -11.34 -21.56
CA ALA B 285 1.84 -10.15 -22.39
C ALA B 285 2.86 -10.26 -23.52
N ARG B 286 4.08 -10.66 -23.19
CA ARG B 286 5.12 -10.84 -24.21
C ARG B 286 4.66 -11.76 -25.35
N ALA B 287 4.10 -12.93 -24.98
CA ALA B 287 3.57 -13.83 -26.00
C ALA B 287 2.51 -13.16 -26.86
N GLY B 288 1.69 -12.29 -26.26
CA GLY B 288 0.72 -11.54 -27.03
C GLY B 288 1.37 -10.56 -27.98
N THR B 289 2.53 -10.03 -27.61
CA THR B 289 3.25 -9.13 -28.51
C THR B 289 3.81 -9.89 -29.70
N LEU B 290 4.29 -11.12 -29.49
CA LEU B 290 4.71 -11.98 -30.59
C LEU B 290 3.59 -12.21 -31.60
N ARG B 291 2.43 -12.71 -31.14
CA ARG B 291 1.33 -12.99 -32.06
C ARG B 291 0.84 -11.72 -32.75
N LEU B 292 1.00 -10.56 -32.12
CA LEU B 292 0.67 -9.32 -32.79
C LEU B 292 1.72 -8.97 -33.85
N VAL B 293 2.99 -9.27 -33.55
CA VAL B 293 4.09 -8.96 -34.46
C VAL B 293 3.94 -9.74 -35.77
N GLU B 294 3.19 -10.83 -35.77
CA GLU B 294 3.05 -11.66 -36.96
C GLU B 294 1.95 -11.19 -37.91
N GLY B 295 0.72 -11.06 -37.42
CA GLY B 295 -0.36 -10.57 -38.26
C GLY B 295 -0.04 -9.20 -38.81
N LEU B 296 0.91 -8.54 -38.16
CA LEU B 296 1.52 -7.32 -38.64
C LEU B 296 2.65 -7.60 -39.63
N GLY B 297 3.29 -8.77 -39.53
CA GLY B 297 4.25 -9.20 -40.52
C GLY B 297 5.70 -8.84 -40.24
N LEU B 298 6.03 -8.42 -39.01
CA LEU B 298 7.38 -8.04 -38.66
C LEU B 298 8.15 -9.16 -37.96
N ALA B 299 7.66 -10.40 -38.05
CA ALA B 299 8.31 -11.51 -37.34
C ALA B 299 9.75 -11.69 -37.83
N GLY B 300 9.93 -11.79 -39.14
CA GLY B 300 11.27 -12.07 -39.68
C GLY B 300 12.28 -10.99 -39.36
N ALA B 301 11.83 -9.75 -39.16
CA ALA B 301 12.70 -8.61 -38.99
C ALA B 301 12.99 -8.29 -37.52
N VAL B 302 12.71 -9.23 -36.61
CA VAL B 302 13.15 -9.14 -35.23
C VAL B 302 14.08 -10.28 -34.85
N GLY B 303 14.11 -11.35 -35.65
CA GLY B 303 14.97 -12.46 -35.35
C GLY B 303 14.22 -13.52 -34.58
N GLY B 304 14.98 -14.40 -33.95
CA GLY B 304 14.37 -15.47 -33.17
C GLY B 304 14.27 -15.18 -31.68
N LEU B 305 14.36 -13.90 -31.30
CA LEU B 305 14.33 -13.55 -29.88
C LEU B 305 12.97 -13.90 -29.26
N ARG B 306 13.00 -14.65 -28.16
CA ARG B 306 11.78 -15.08 -27.47
C ARG B 306 11.67 -14.44 -26.09
N PRO B 307 11.25 -13.18 -25.99
CA PRO B 307 11.06 -12.59 -24.64
C PRO B 307 9.99 -13.30 -23.85
N ASP B 308 8.95 -13.82 -24.51
CA ASP B 308 7.95 -14.62 -23.80
C ASP B 308 8.60 -15.80 -23.09
N GLU B 309 9.54 -16.48 -23.76
CA GLU B 309 10.18 -17.64 -23.16
C GLU B 309 11.09 -17.23 -22.01
N ALA B 310 11.81 -16.12 -22.16
CA ALA B 310 12.64 -15.62 -21.08
C ALA B 310 11.79 -15.32 -19.85
N TRP B 311 10.70 -14.57 -20.04
CA TRP B 311 9.85 -14.19 -18.92
C TRP B 311 9.14 -15.38 -18.31
N ARG B 312 8.77 -16.36 -19.12
CA ARG B 312 8.16 -17.58 -18.60
C ARG B 312 9.14 -18.39 -17.76
N LEU B 313 10.45 -18.26 -18.04
CA LEU B 313 11.45 -18.93 -17.22
C LEU B 313 11.65 -18.22 -15.88
N ALA B 314 11.52 -16.90 -15.85
CA ALA B 314 11.51 -16.20 -14.58
C ALA B 314 10.25 -16.52 -13.78
N TRP B 315 9.10 -16.65 -14.46
CA TRP B 315 7.87 -17.04 -13.76
C TRP B 315 8.05 -18.38 -13.06
N ARG B 316 8.43 -19.42 -13.80
CA ARG B 316 8.71 -20.71 -13.19
C ARG B 316 9.76 -20.62 -12.08
N SER B 317 10.75 -19.73 -12.24
CA SER B 317 11.76 -19.56 -11.20
C SER B 317 11.16 -19.05 -9.90
N GLY B 318 10.12 -18.22 -10.00
CA GLY B 318 9.44 -17.75 -8.79
C GLY B 318 8.64 -18.83 -8.10
N GLN B 319 7.92 -19.65 -8.87
CA GLN B 319 7.13 -20.73 -8.27
C GLN B 319 7.99 -21.72 -7.50
N LYS B 320 9.23 -21.94 -7.99
CA LYS B 320 10.18 -22.74 -7.23
C LYS B 320 10.40 -22.17 -5.84
N LEU B 321 10.38 -20.82 -5.72
CA LEU B 321 10.64 -20.15 -4.45
C LEU B 321 9.60 -20.46 -3.38
N TYR B 322 8.33 -20.65 -3.74
CA TYR B 322 7.35 -20.98 -2.71
C TYR B 322 7.66 -22.33 -2.08
N ARG B 323 7.93 -23.35 -2.90
CA ARG B 323 8.17 -24.69 -2.38
C ARG B 323 9.44 -24.74 -1.51
N ARG B 324 10.51 -24.07 -1.96
CA ARG B 324 11.78 -24.00 -1.24
C ARG B 324 12.34 -22.62 -1.42
N LEU B 325 12.52 -21.90 -0.31
CA LEU B 325 12.94 -20.50 -0.34
C LEU B 325 14.37 -20.43 0.21
N ASP B 326 15.34 -20.65 -0.68
CA ASP B 326 16.75 -20.71 -0.33
C ASP B 326 17.56 -19.81 -1.25
N ARG B 327 18.83 -19.61 -0.88
CA ARG B 327 19.71 -18.72 -1.63
C ARG B 327 19.83 -19.14 -3.09
N GLN B 328 19.87 -20.44 -3.35
CA GLN B 328 20.03 -20.93 -4.71
C GLN B 328 18.83 -20.55 -5.58
N ASN B 329 17.64 -21.01 -5.19
CA ASN B 329 16.42 -20.64 -5.91
C ASN B 329 16.26 -19.14 -5.96
N LEU B 330 16.68 -18.44 -4.91
CA LEU B 330 16.63 -16.98 -4.93
C LEU B 330 17.58 -16.42 -5.97
N SER B 331 18.80 -16.95 -6.04
CA SER B 331 19.74 -16.46 -7.06
C SER B 331 19.31 -16.94 -8.45
N ALA B 332 18.74 -18.14 -8.53
CA ALA B 332 18.18 -18.63 -9.80
C ALA B 332 17.14 -17.66 -10.34
N LEU B 333 16.23 -17.19 -9.47
CA LEU B 333 15.24 -16.21 -9.89
C LEU B 333 15.93 -14.93 -10.34
N PHE B 334 16.97 -14.50 -9.62
CA PHE B 334 17.70 -13.29 -9.99
C PHE B 334 18.33 -13.43 -11.37
N SER B 335 18.97 -14.56 -11.64
CA SER B 335 19.60 -14.72 -12.95
C SER B 335 18.54 -14.80 -14.05
N ALA B 336 17.46 -15.55 -13.80
CA ALA B 336 16.39 -15.64 -14.79
C ALA B 336 15.83 -14.26 -15.15
N LEU B 337 15.75 -13.35 -14.16
CA LEU B 337 15.20 -12.03 -14.40
C LEU B 337 16.16 -11.18 -15.23
N GLU B 338 17.46 -11.29 -14.98
CA GLU B 338 18.41 -10.53 -15.79
C GLU B 338 18.39 -11.01 -17.24
N LYS B 339 18.23 -12.33 -17.46
CA LYS B 339 18.09 -12.84 -18.82
C LYS B 339 16.92 -12.18 -19.56
N ALA B 340 15.74 -12.21 -18.94
CA ALA B 340 14.56 -11.65 -19.59
C ALA B 340 14.73 -10.16 -19.88
N ALA B 341 15.32 -9.43 -18.93
CA ALA B 341 15.62 -8.02 -19.16
C ALA B 341 16.57 -7.86 -20.34
N GLU B 342 17.57 -8.73 -20.45
CA GLU B 342 18.48 -8.70 -21.59
C GLU B 342 17.71 -8.96 -22.89
N VAL B 343 16.94 -10.05 -22.94
CA VAL B 343 16.16 -10.36 -24.14
C VAL B 343 15.23 -9.20 -24.49
N ASP B 344 14.65 -8.56 -23.47
CA ASP B 344 13.64 -7.54 -23.71
C ASP B 344 14.22 -6.34 -24.44
N VAL B 345 15.43 -5.93 -24.07
CA VAL B 345 15.97 -4.71 -24.67
C VAL B 345 16.47 -4.99 -26.09
N GLU B 346 17.04 -6.17 -26.35
CA GLU B 346 17.41 -6.52 -27.72
C GLU B 346 16.18 -6.60 -28.62
N TYR B 347 15.11 -7.27 -28.15
CA TYR B 347 13.88 -7.40 -28.92
C TYR B 347 13.25 -6.04 -29.20
N ALA B 348 13.09 -5.23 -28.15
CA ALA B 348 12.42 -3.94 -28.32
C ALA B 348 13.21 -3.02 -29.25
N ARG B 349 14.53 -3.01 -29.12
CA ARG B 349 15.37 -2.14 -29.94
C ARG B 349 15.27 -2.51 -31.42
N ARG B 350 15.19 -3.81 -31.73
CA ARG B 350 15.03 -4.26 -33.11
C ARG B 350 13.64 -3.95 -33.65
N LEU B 351 12.60 -4.17 -32.84
CA LEU B 351 11.23 -4.03 -33.30
C LEU B 351 10.82 -2.57 -33.48
N LEU B 352 11.32 -1.68 -32.62
CA LEU B 352 11.00 -0.26 -32.77
C LEU B 352 11.71 0.32 -34.00
N LYS B 353 12.92 -0.15 -34.29
CA LYS B 353 13.61 0.28 -35.50
C LYS B 353 12.89 -0.24 -36.75
N GLU B 354 12.46 -1.50 -36.71
CA GLU B 354 11.74 -2.07 -37.83
C GLU B 354 10.35 -1.45 -38.01
N LEU B 355 9.72 -1.01 -36.92
CA LEU B 355 8.40 -0.39 -37.03
C LEU B 355 8.48 0.93 -37.79
N LEU B 356 9.42 1.80 -37.41
CA LEU B 356 9.56 3.10 -38.04
C LEU B 356 10.35 3.06 -39.36
N GLU B 357 10.86 1.88 -39.77
CA GLU B 357 11.56 1.70 -41.06
C GLU B 357 10.62 1.82 -42.26
N HIS B 358 9.38 2.24 -42.04
CA HIS B 358 8.39 2.32 -43.10
C HIS B 358 8.01 3.78 -43.40
#